data_5DUC
#
_entry.id   5DUC
#
_cell.length_a   51.340
_cell.length_b   119.230
_cell.length_c   171.620
_cell.angle_alpha   90.00
_cell.angle_beta   90.00
_cell.angle_gamma   90.00
#
_symmetry.space_group_name_H-M   'P 21 21 21'
#
loop_
_entity.id
_entity.type
_entity.pdbx_description
1 polymer 'Probable enoyl-CoA hydratase echA6'
2 non-polymer (5R,7S)-N-(1,3-benzodioxol-5-ylmethyl)-5-(4-ethylphenyl)-7-(trifluoromethyl)-4,5,6,7-tetrahydropyrazolo[1,5-a]pyrimidine-3-carboxamide
3 water water
#
_entity_poly.entity_id   1
_entity_poly.type   'polypeptide(L)'
_entity_poly.pdbx_seq_one_letter_code
;MGSSHHHHHHSSGLVPRGSHMIGITQAEAVLTIELQRPERRNALNSQLVEELTQAIRKAGDGSARAIVLTGQGTAFCAGA
DLSGDAFAADYPDRLIELHKAMDASPMPVVGAINGPAIGAGLQLAMQCDLRVVAPDAFFQFPTSKYGLALDNWSIRRLSS
LVGHGRARAMLLSAEKLTAEIALHTGMANRIGTLADAQAWAAEIARLAPLAIQHAKRVLNDDGAIEEAWPAHKELFDKAW
GSQDVIEAQVARMEKRPPKFQGA
;
_entity_poly.pdbx_strand_id   A,B,C
#
loop_
_chem_comp.id
_chem_comp.type
_chem_comp.name
_chem_comp.formula
G51 non-polymer (5R,7S)-N-(1,3-benzodioxol-5-ylmethyl)-5-(4-ethylphenyl)-7-(trifluoromethyl)-4,5,6,7-tetrahydropyrazolo[1,5-a]pyrimidine-3-carboxamide 'C24 H23 F3 N4 O3'
#
# COMPACT_ATOMS: atom_id res chain seq x y z
N HIS A 20 -30.57 -13.53 20.55
CA HIS A 20 -30.30 -14.89 21.00
C HIS A 20 -28.89 -15.45 20.64
N MET A 21 -28.26 -14.88 19.61
CA MET A 21 -26.92 -15.31 19.18
C MET A 21 -25.81 -14.23 19.24
N ILE A 22 -26.11 -13.09 19.86
CA ILE A 22 -25.08 -12.10 20.16
C ILE A 22 -25.30 -11.51 21.55
N GLY A 23 -24.28 -10.82 22.05
CA GLY A 23 -24.37 -10.17 23.34
C GLY A 23 -24.19 -8.67 23.17
N ILE A 24 -24.92 -7.90 23.98
CA ILE A 24 -24.84 -6.46 23.86
C ILE A 24 -24.77 -5.76 25.23
N THR A 25 -23.66 -5.06 25.45
CA THR A 25 -23.47 -4.31 26.68
C THR A 25 -22.88 -2.96 26.35
N GLN A 26 -23.29 -1.96 27.12
CA GLN A 26 -22.78 -0.61 26.96
C GLN A 26 -22.08 -0.18 28.23
N ALA A 27 -20.91 0.42 28.08
CA ALA A 27 -20.25 0.98 29.23
C ALA A 27 -19.77 2.37 28.81
N GLU A 28 -20.19 3.37 29.58
CA GLU A 28 -19.97 4.73 29.20
C GLU A 28 -20.54 4.84 27.79
N ALA A 29 -19.74 5.26 26.81
CA ALA A 29 -20.23 5.47 25.45
C ALA A 29 -19.79 4.38 24.49
N VAL A 30 -19.41 3.22 25.03
CA VAL A 30 -18.94 2.16 24.17
C VAL A 30 -19.90 0.98 24.13
N LEU A 31 -20.37 0.70 22.93
CA LEU A 31 -21.23 -0.45 22.72
C LEU A 31 -20.35 -1.62 22.35
N THR A 32 -20.36 -2.67 23.17
CA THR A 32 -19.66 -3.90 22.81
C THR A 32 -20.64 -4.94 22.27
N ILE A 33 -20.39 -5.36 21.05
CA ILE A 33 -21.21 -6.39 20.41
C ILE A 33 -20.40 -7.68 20.34
N GLU A 34 -20.90 -8.73 21.02
CA GLU A 34 -20.18 -9.99 21.13
C GLU A 34 -20.85 -11.11 20.36
N LEU A 35 -20.18 -11.63 19.34
CA LEU A 35 -20.62 -12.84 18.64
C LEU A 35 -20.70 -14.02 19.57
N GLN A 36 -21.85 -14.66 19.67
CA GLN A 36 -22.02 -15.68 20.70
C GLN A 36 -22.46 -17.04 20.16
N ARG A 37 -21.59 -17.65 19.37
CA ARG A 37 -21.85 -18.95 18.80
C ARG A 37 -20.54 -19.73 18.87
N PRO A 38 -19.95 -19.82 20.08
CA PRO A 38 -18.66 -20.47 20.25
C PRO A 38 -18.70 -21.95 19.89
N GLU A 39 -19.88 -22.56 20.02
CA GLU A 39 -20.06 -23.96 19.63
C GLU A 39 -19.69 -24.21 18.16
N ARG A 40 -19.56 -23.15 17.39
CA ARG A 40 -19.14 -23.26 15.99
C ARG A 40 -18.07 -22.23 15.68
N ARG A 41 -17.28 -21.88 16.69
CA ARG A 41 -16.21 -20.88 16.55
C ARG A 41 -16.73 -19.61 15.85
N ASN A 42 -17.95 -19.23 16.21
CA ASN A 42 -18.59 -17.99 15.76
C ASN A 42 -18.80 -17.87 14.24
N ALA A 43 -18.86 -19.03 13.58
CA ALA A 43 -19.17 -19.07 12.15
C ALA A 43 -20.53 -18.41 11.92
N LEU A 44 -20.62 -17.58 10.88
CA LEU A 44 -21.84 -16.85 10.56
C LEU A 44 -22.98 -17.71 10.00
N ASN A 45 -24.19 -17.20 10.13
CA ASN A 45 -25.36 -17.82 9.50
C ASN A 45 -26.44 -16.76 9.37
N SER A 46 -27.57 -17.12 8.77
CA SER A 46 -28.62 -16.13 8.54
C SER A 46 -28.96 -15.34 9.80
N GLN A 47 -29.23 -16.04 10.90
CA GLN A 47 -29.67 -15.39 12.13
C GLN A 47 -28.57 -14.53 12.80
N LEU A 48 -27.36 -15.05 12.87
CA LEU A 48 -26.29 -14.30 13.50
C LEU A 48 -26.05 -13.01 12.74
N VAL A 49 -25.95 -13.12 11.42
CA VAL A 49 -25.69 -11.98 10.54
C VAL A 49 -26.77 -10.91 10.66
N GLU A 50 -28.01 -11.34 10.84
CA GLU A 50 -29.13 -10.41 10.85
C GLU A 50 -29.21 -9.70 12.20
N GLU A 51 -28.75 -10.35 13.26
CA GLU A 51 -28.74 -9.73 14.58
C GLU A 51 -27.62 -8.71 14.73
N LEU A 52 -26.43 -9.03 14.21
CA LEU A 52 -25.34 -8.07 14.12
C LEU A 52 -25.76 -6.82 13.39
N THR A 53 -26.48 -7.02 12.29
CA THR A 53 -26.96 -5.91 11.50
C THR A 53 -27.91 -4.99 12.29
N GLN A 54 -28.97 -5.55 12.87
CA GLN A 54 -29.87 -4.76 13.72
C GLN A 54 -29.07 -4.07 14.80
N ALA A 55 -28.08 -4.77 15.34
CA ALA A 55 -27.32 -4.25 16.47
C ALA A 55 -26.48 -3.05 16.07
N ILE A 56 -25.82 -3.14 14.91
CA ILE A 56 -25.01 -2.04 14.39
C ILE A 56 -25.90 -0.86 13.99
N ARG A 57 -27.05 -1.16 13.45
CA ARG A 57 -27.94 -0.10 13.00
C ARG A 57 -28.47 0.64 14.21
N LYS A 58 -28.81 -0.11 15.25
CA LYS A 58 -29.48 0.44 16.42
C LYS A 58 -28.52 1.04 17.44
N ALA A 59 -27.21 0.82 17.26
CA ALA A 59 -26.24 1.49 18.13
C ALA A 59 -26.36 2.99 17.91
N GLY A 60 -25.93 3.79 18.87
CA GLY A 60 -26.21 5.21 18.80
C GLY A 60 -27.72 5.50 18.77
N ASP A 61 -28.41 5.15 19.87
CA ASP A 61 -29.86 5.24 19.96
C ASP A 61 -30.40 5.51 21.38
N GLY A 62 -29.57 5.33 22.42
CA GLY A 62 -28.17 5.04 22.29
C GLY A 62 -27.37 6.31 22.46
N SER A 63 -26.59 6.36 23.53
CA SER A 63 -25.65 7.44 23.75
C SER A 63 -24.24 6.98 23.33
N ALA A 64 -24.15 5.79 22.76
CA ALA A 64 -22.85 5.21 22.45
C ALA A 64 -22.27 5.97 21.27
N ARG A 65 -20.95 6.07 21.22
CA ARG A 65 -20.33 6.83 20.16
C ARG A 65 -19.24 6.03 19.47
N ALA A 66 -18.96 4.86 20.03
CA ALA A 66 -18.02 3.92 19.44
C ALA A 66 -18.52 2.51 19.71
N ILE A 67 -18.23 1.60 18.78
CA ILE A 67 -18.61 0.20 18.89
C ILE A 67 -17.37 -0.66 19.02
N VAL A 68 -17.44 -1.69 19.86
CA VAL A 68 -16.40 -2.72 19.84
C VAL A 68 -17.04 -4.04 19.42
N LEU A 69 -16.39 -4.74 18.50
CA LEU A 69 -16.90 -6.03 18.04
C LEU A 69 -15.92 -7.16 18.39
N THR A 70 -16.44 -8.28 18.85
CA THR A 70 -15.56 -9.32 19.34
C THR A 70 -16.30 -10.66 19.30
N GLY A 71 -15.55 -11.74 19.44
CA GLY A 71 -16.15 -13.05 19.50
C GLY A 71 -16.05 -13.62 20.89
N GLN A 72 -16.99 -14.49 21.23
CA GLN A 72 -16.95 -15.21 22.49
C GLN A 72 -16.14 -16.47 22.25
N GLY A 73 -15.50 -16.97 23.29
CA GLY A 73 -14.68 -18.16 23.16
C GLY A 73 -13.33 -17.91 22.51
N THR A 74 -12.85 -18.92 21.78
CA THR A 74 -11.49 -18.93 21.31
C THR A 74 -11.30 -18.32 19.93
N ALA A 75 -12.38 -18.14 19.20
CA ALA A 75 -12.28 -17.57 17.87
C ALA A 75 -12.94 -16.19 17.76
N PHE A 76 -12.46 -15.40 16.80
CA PHE A 76 -13.23 -14.24 16.41
C PHE A 76 -14.43 -14.69 15.57
N CYS A 77 -14.14 -15.25 14.39
CA CYS A 77 -15.15 -15.82 13.53
C CYS A 77 -14.44 -16.72 12.52
N ALA A 78 -14.80 -18.01 12.52
CA ALA A 78 -14.01 -18.99 11.80
C ALA A 78 -14.61 -19.23 10.44
N GLY A 79 -15.62 -18.44 10.11
CA GLY A 79 -16.17 -18.46 8.77
C GLY A 79 -17.69 -18.48 8.74
N ALA A 80 -18.22 -19.44 8.01
CA ALA A 80 -19.65 -19.49 7.78
C ALA A 80 -20.13 -20.92 7.96
N ASP A 81 -21.18 -21.11 8.74
CA ASP A 81 -21.76 -22.43 8.91
C ASP A 81 -23.26 -22.34 8.76
N LEU A 82 -23.77 -22.81 7.63
CA LEU A 82 -25.19 -22.72 7.36
C LEU A 82 -25.95 -24.03 7.64
N SER A 83 -25.34 -24.98 8.33
CA SER A 83 -26.02 -26.23 8.61
C SER A 83 -27.18 -25.98 9.57
N GLY A 84 -28.34 -26.49 9.22
CA GLY A 84 -29.53 -26.30 10.03
C GLY A 84 -30.29 -25.05 9.62
N ASP A 85 -29.57 -23.94 9.52
CA ASP A 85 -30.06 -22.67 8.99
C ASP A 85 -31.19 -22.79 7.96
N ALA A 86 -32.38 -22.32 8.34
CA ALA A 86 -33.55 -22.43 7.48
C ALA A 86 -33.58 -21.44 6.31
N PHE A 87 -32.89 -20.30 6.46
CA PHE A 87 -32.91 -19.24 5.46
C PHE A 87 -31.54 -19.07 4.80
N ALA A 88 -30.84 -20.17 4.60
CA ALA A 88 -29.48 -20.11 4.07
C ALA A 88 -29.43 -19.44 2.70
N ALA A 89 -30.46 -19.69 1.89
CA ALA A 89 -30.58 -19.04 0.60
C ALA A 89 -30.50 -17.52 0.74
N ASP A 90 -31.02 -17.00 1.84
CA ASP A 90 -31.03 -15.56 2.10
C ASP A 90 -29.70 -15.03 2.64
N TYR A 91 -28.78 -15.92 2.98
CA TYR A 91 -27.59 -15.57 3.74
C TYR A 91 -26.66 -14.60 3.03
N PRO A 92 -26.28 -14.93 1.79
CA PRO A 92 -25.40 -14.04 1.03
C PRO A 92 -25.94 -12.61 0.99
N ASP A 93 -27.24 -12.47 0.76
CA ASP A 93 -27.87 -11.15 0.81
C ASP A 93 -27.79 -10.48 2.18
N ARG A 94 -28.07 -11.24 3.23
CA ARG A 94 -28.01 -10.68 4.57
C ARG A 94 -26.58 -10.29 4.94
N LEU A 95 -25.62 -11.09 4.47
CA LEU A 95 -24.22 -10.80 4.72
C LEU A 95 -23.82 -9.46 4.09
N ILE A 96 -24.28 -9.23 2.87
CA ILE A 96 -23.99 -7.99 2.15
C ILE A 96 -24.59 -6.83 2.91
N GLU A 97 -25.84 -6.99 3.36
CA GLU A 97 -26.49 -6.00 4.20
C GLU A 97 -25.68 -5.67 5.45
N LEU A 98 -25.03 -6.67 6.03
CA LEU A 98 -24.27 -6.48 7.25
C LEU A 98 -23.08 -5.60 7.00
N HIS A 99 -22.41 -5.82 5.87
CA HIS A 99 -21.25 -5.01 5.51
C HIS A 99 -21.68 -3.61 5.12
N LYS A 100 -22.82 -3.48 4.46
CA LYS A 100 -23.34 -2.15 4.17
C LYS A 100 -23.62 -1.42 5.45
N ALA A 101 -24.27 -2.10 6.39
CA ALA A 101 -24.64 -1.52 7.68
C ALA A 101 -23.41 -1.01 8.46
N MET A 102 -22.31 -1.74 8.41
CA MET A 102 -21.07 -1.30 9.06
C MET A 102 -20.48 -0.12 8.31
N ASP A 103 -20.21 -0.31 7.02
CA ASP A 103 -19.70 0.72 6.16
C ASP A 103 -20.48 2.03 6.27
N ALA A 104 -21.80 1.93 6.45
CA ALA A 104 -22.66 3.11 6.48
C ALA A 104 -22.73 3.67 7.89
N SER A 105 -22.20 2.93 8.88
CA SER A 105 -22.31 3.41 10.26
C SER A 105 -21.43 4.62 10.54
N PRO A 106 -22.04 5.65 11.15
CA PRO A 106 -21.28 6.86 11.49
C PRO A 106 -20.41 6.58 12.71
N MET A 107 -20.61 5.43 13.32
CA MET A 107 -19.80 5.08 14.47
C MET A 107 -18.61 4.21 14.13
N PRO A 108 -17.43 4.57 14.66
CA PRO A 108 -16.22 3.77 14.43
C PRO A 108 -16.33 2.39 15.07
N VAL A 109 -15.91 1.35 14.36
CA VAL A 109 -16.02 0.01 14.91
C VAL A 109 -14.64 -0.52 15.24
N VAL A 110 -14.40 -0.86 16.49
CA VAL A 110 -13.10 -1.34 16.85
C VAL A 110 -13.16 -2.84 17.06
N GLY A 111 -12.54 -3.58 16.15
CA GLY A 111 -12.53 -5.03 16.24
C GLY A 111 -11.58 -5.57 17.29
N ALA A 112 -12.14 -6.25 18.28
CA ALA A 112 -11.33 -7.00 19.23
C ALA A 112 -11.21 -8.42 18.70
N ILE A 113 -10.20 -8.65 17.87
CA ILE A 113 -10.00 -9.91 17.21
C ILE A 113 -9.41 -10.92 18.17
N ASN A 114 -10.27 -11.52 18.97
CA ASN A 114 -9.85 -12.34 20.12
C ASN A 114 -9.24 -13.66 19.72
N GLY A 115 -9.45 -14.06 18.47
CA GLY A 115 -8.92 -15.33 18.00
C GLY A 115 -9.03 -15.42 16.49
N PRO A 116 -8.76 -16.61 15.93
CA PRO A 116 -8.74 -16.76 14.47
C PRO A 116 -9.91 -16.08 13.77
N ALA A 117 -9.59 -15.37 12.68
CA ALA A 117 -10.59 -14.76 11.80
C ALA A 117 -10.36 -15.24 10.38
N ILE A 118 -11.26 -16.12 9.92
CA ILE A 118 -11.06 -16.86 8.69
C ILE A 118 -12.23 -16.65 7.74
N GLY A 119 -11.94 -16.60 6.45
CA GLY A 119 -13.02 -16.53 5.47
C GLY A 119 -13.96 -15.39 5.79
N ALA A 120 -15.24 -15.70 5.88
CA ALA A 120 -16.24 -14.69 6.20
C ALA A 120 -15.84 -13.88 7.44
N GLY A 121 -15.19 -14.54 8.39
CA GLY A 121 -14.77 -13.91 9.62
C GLY A 121 -13.68 -12.88 9.34
N LEU A 122 -12.79 -13.21 8.41
CA LEU A 122 -11.72 -12.32 7.99
C LEU A 122 -12.34 -11.08 7.33
N GLN A 123 -13.28 -11.30 6.43
CA GLN A 123 -13.99 -10.20 5.80
C GLN A 123 -14.56 -9.28 6.85
N LEU A 124 -15.27 -9.86 7.80
CA LEU A 124 -15.85 -9.12 8.91
C LEU A 124 -14.80 -8.30 9.66
N ALA A 125 -13.72 -8.96 10.07
CA ALA A 125 -12.67 -8.27 10.80
C ALA A 125 -12.17 -7.08 9.98
N MET A 126 -12.06 -7.29 8.67
CA MET A 126 -11.55 -6.26 7.76
C MET A 126 -12.53 -5.13 7.57
N GLN A 127 -13.81 -5.37 7.87
CA GLN A 127 -14.83 -4.33 7.72
C GLN A 127 -14.93 -3.45 8.98
N CYS A 128 -14.26 -3.87 10.05
CA CYS A 128 -14.09 -3.00 11.20
C CYS A 128 -13.23 -1.82 10.79
N ASP A 129 -13.31 -0.74 11.56
CA ASP A 129 -12.59 0.46 11.23
C ASP A 129 -11.18 0.41 11.77
N LEU A 130 -11.03 -0.19 12.95
CA LEU A 130 -9.72 -0.42 13.53
C LEU A 130 -9.73 -1.82 14.16
N ARG A 131 -8.56 -2.36 14.46
CA ARG A 131 -8.47 -3.73 14.95
C ARG A 131 -7.47 -3.88 16.10
N VAL A 132 -7.92 -4.52 17.18
CA VAL A 132 -7.04 -4.87 18.29
C VAL A 132 -7.02 -6.38 18.34
N VAL A 133 -5.85 -6.97 18.08
CA VAL A 133 -5.75 -8.41 17.83
C VAL A 133 -5.09 -9.15 18.99
N ALA A 134 -5.68 -10.27 19.39
CA ALA A 134 -5.08 -11.07 20.44
C ALA A 134 -3.88 -11.80 19.86
N PRO A 135 -2.86 -12.03 20.68
CA PRO A 135 -1.58 -12.59 20.22
C PRO A 135 -1.70 -13.95 19.53
N ASP A 136 -2.74 -14.70 19.84
CA ASP A 136 -2.90 -16.03 19.27
C ASP A 136 -3.91 -16.03 18.16
N ALA A 137 -4.31 -14.85 17.73
CA ALA A 137 -5.20 -14.75 16.58
C ALA A 137 -4.38 -14.89 15.31
N PHE A 138 -5.04 -15.29 14.23
CA PHE A 138 -4.45 -15.28 12.89
C PHE A 138 -5.55 -15.03 11.86
N PHE A 139 -5.17 -14.63 10.66
CA PHE A 139 -6.15 -14.29 9.65
C PHE A 139 -5.91 -15.17 8.46
N GLN A 140 -6.97 -15.65 7.86
CA GLN A 140 -6.78 -16.52 6.72
C GLN A 140 -7.95 -16.49 5.75
N PHE A 141 -7.61 -16.47 4.45
CA PHE A 141 -8.55 -16.77 3.36
C PHE A 141 -8.16 -18.15 2.82
N PRO A 142 -8.88 -19.21 3.22
CA PRO A 142 -8.48 -20.54 2.76
C PRO A 142 -9.15 -20.89 1.44
N THR A 143 -9.57 -19.87 0.70
CA THR A 143 -10.28 -20.11 -0.54
C THR A 143 -9.51 -21.00 -1.54
N SER A 144 -8.19 -20.83 -1.61
CA SER A 144 -7.43 -21.66 -2.55
C SER A 144 -7.47 -23.15 -2.16
N LYS A 145 -7.85 -23.45 -0.93
CA LYS A 145 -7.98 -24.83 -0.47
C LYS A 145 -9.38 -25.39 -0.71
N TYR A 146 -10.35 -24.54 -1.05
CA TYR A 146 -11.73 -24.99 -1.20
C TYR A 146 -12.30 -24.72 -2.58
N GLY A 147 -11.41 -24.34 -3.49
CA GLY A 147 -11.76 -24.08 -4.88
C GLY A 147 -12.71 -22.90 -5.05
N LEU A 148 -12.73 -22.01 -4.06
CA LEU A 148 -13.69 -20.92 -4.04
C LEU A 148 -13.11 -19.63 -4.61
N ALA A 149 -13.89 -18.56 -4.56
CA ALA A 149 -13.48 -17.29 -5.11
C ALA A 149 -14.13 -16.15 -4.35
N LEU A 150 -13.38 -15.07 -4.18
CA LEU A 150 -13.83 -13.94 -3.39
C LEU A 150 -14.37 -12.80 -4.23
N ASP A 151 -15.14 -11.94 -3.58
CA ASP A 151 -15.56 -10.66 -4.13
C ASP A 151 -14.35 -9.73 -4.19
N ASN A 152 -14.42 -8.73 -5.05
CA ASN A 152 -13.26 -7.87 -5.29
C ASN A 152 -12.86 -7.07 -4.05
N TRP A 153 -13.84 -6.62 -3.28
CA TRP A 153 -13.56 -5.82 -2.10
C TRP A 153 -12.65 -6.58 -1.14
N SER A 154 -13.01 -7.83 -0.87
CA SER A 154 -12.26 -8.63 0.08
C SER A 154 -10.81 -8.62 -0.33
N ILE A 155 -10.57 -8.78 -1.62
CA ILE A 155 -9.20 -8.78 -2.14
C ILE A 155 -8.56 -7.40 -2.04
N ARG A 156 -9.26 -6.36 -2.53
CA ARG A 156 -8.73 -5.00 -2.46
C ARG A 156 -8.44 -4.57 -1.04
N ARG A 157 -9.39 -4.76 -0.14
CA ARG A 157 -9.17 -4.36 1.26
C ARG A 157 -8.02 -5.15 1.86
N LEU A 158 -8.07 -6.47 1.73
CA LEU A 158 -6.95 -7.29 2.16
C LEU A 158 -5.62 -6.69 1.66
N SER A 159 -5.53 -6.38 0.38
CA SER A 159 -4.29 -5.82 -0.19
C SER A 159 -3.89 -4.55 0.51
N SER A 160 -4.87 -3.74 0.87
CA SER A 160 -4.57 -2.46 1.45
C SER A 160 -4.03 -2.65 2.87
N LEU A 161 -4.44 -3.74 3.52
CA LEU A 161 -4.05 -4.00 4.91
C LEU A 161 -2.78 -4.81 5.11
N VAL A 162 -2.46 -5.69 4.19
CA VAL A 162 -1.26 -6.50 4.39
C VAL A 162 -0.19 -6.22 3.35
N GLY A 163 -0.49 -5.32 2.42
CA GLY A 163 0.42 -5.07 1.33
C GLY A 163 0.09 -6.03 0.20
N HIS A 164 0.32 -5.61 -1.03
CA HIS A 164 0.00 -6.45 -2.18
C HIS A 164 0.71 -7.82 -2.12
N GLY A 165 2.02 -7.80 -1.90
CA GLY A 165 2.79 -9.03 -1.82
C GLY A 165 2.24 -10.11 -0.89
N ARG A 166 1.98 -9.76 0.37
CA ARG A 166 1.46 -10.77 1.30
C ARG A 166 0.07 -11.20 0.90
N ALA A 167 -0.70 -10.30 0.32
CA ALA A 167 -2.06 -10.63 -0.09
C ALA A 167 -2.00 -11.70 -1.16
N ARG A 168 -0.98 -11.63 -2.02
CA ARG A 168 -0.81 -12.64 -3.06
C ARG A 168 -0.59 -14.00 -2.42
N ALA A 169 0.26 -14.04 -1.41
CA ALA A 169 0.54 -15.27 -0.69
C ALA A 169 -0.73 -15.79 -0.01
N MET A 170 -1.50 -14.87 0.56
CA MET A 170 -2.69 -15.25 1.29
C MET A 170 -3.77 -15.81 0.39
N LEU A 171 -3.93 -15.21 -0.78
CA LEU A 171 -5.00 -15.62 -1.67
C LEU A 171 -4.58 -16.79 -2.54
N LEU A 172 -3.32 -16.80 -2.96
CA LEU A 172 -2.83 -17.83 -3.88
C LEU A 172 -2.37 -19.09 -3.15
N SER A 173 -2.17 -19.01 -1.84
CA SER A 173 -1.69 -20.22 -1.17
C SER A 173 -2.23 -20.44 0.23
N ALA A 174 -3.35 -19.77 0.56
CA ALA A 174 -4.00 -19.92 1.87
C ALA A 174 -3.06 -19.66 3.05
N GLU A 175 -2.16 -18.70 2.88
CA GLU A 175 -1.22 -18.36 3.93
C GLU A 175 -1.90 -17.66 5.12
N LYS A 176 -1.64 -18.19 6.30
CA LYS A 176 -2.09 -17.59 7.54
C LYS A 176 -1.29 -16.32 7.89
N LEU A 177 -2.00 -15.26 8.22
CA LEU A 177 -1.35 -14.04 8.68
C LEU A 177 -1.39 -14.07 10.21
N THR A 178 -0.23 -14.24 10.84
CA THR A 178 -0.14 -14.24 12.29
C THR A 178 -0.40 -12.84 12.88
N ALA A 179 -0.56 -12.79 14.20
CA ALA A 179 -0.84 -11.53 14.88
C ALA A 179 0.39 -10.61 14.76
N GLU A 180 1.57 -11.17 15.01
CA GLU A 180 2.81 -10.43 14.87
C GLU A 180 2.92 -9.73 13.52
N ILE A 181 2.58 -10.44 12.45
CA ILE A 181 2.63 -9.87 11.09
C ILE A 181 1.47 -8.92 10.78
N ALA A 182 0.31 -9.21 11.35
CA ALA A 182 -0.81 -8.29 11.17
C ALA A 182 -0.41 -6.92 11.75
N LEU A 183 0.33 -6.92 12.86
CA LEU A 183 0.80 -5.68 13.48
C LEU A 183 1.82 -5.02 12.58
N HIS A 184 2.72 -5.85 12.05
CA HIS A 184 3.71 -5.43 11.08
C HIS A 184 3.09 -4.69 9.90
N THR A 185 2.10 -5.30 9.27
CA THR A 185 1.56 -4.78 8.02
C THR A 185 0.52 -3.69 8.25
N GLY A 186 -0.11 -3.71 9.42
CA GLY A 186 -1.16 -2.73 9.68
C GLY A 186 -2.55 -3.33 9.76
N MET A 187 -2.67 -4.62 9.44
CA MET A 187 -3.93 -5.34 9.62
C MET A 187 -4.37 -5.17 11.06
N ALA A 188 -3.44 -5.42 11.98
CA ALA A 188 -3.65 -5.08 13.36
C ALA A 188 -3.05 -3.72 13.61
N ASN A 189 -3.85 -2.86 14.22
CA ASN A 189 -3.40 -1.60 14.74
C ASN A 189 -2.64 -1.83 16.04
N ARG A 190 -3.15 -2.75 16.86
CA ARG A 190 -2.56 -3.09 18.15
C ARG A 190 -2.73 -4.57 18.48
N ILE A 191 -1.75 -5.11 19.21
CA ILE A 191 -1.89 -6.43 19.79
C ILE A 191 -2.35 -6.27 21.23
N GLY A 192 -3.59 -6.64 21.50
CA GLY A 192 -4.13 -6.54 22.83
C GLY A 192 -5.36 -7.39 23.04
N THR A 193 -6.03 -7.09 24.14
CA THR A 193 -7.16 -7.86 24.59
C THR A 193 -8.42 -7.07 24.33
N LEU A 194 -9.56 -7.68 24.63
CA LEU A 194 -10.84 -6.99 24.56
C LEU A 194 -10.81 -5.69 25.38
N ALA A 195 -10.30 -5.76 26.61
CA ALA A 195 -10.21 -4.61 27.49
C ALA A 195 -9.40 -3.49 26.85
N ASP A 196 -8.32 -3.87 26.17
CA ASP A 196 -7.47 -2.88 25.53
C ASP A 196 -8.30 -2.16 24.49
N ALA A 197 -9.09 -2.92 23.75
CA ALA A 197 -9.90 -2.39 22.66
C ALA A 197 -11.04 -1.52 23.17
N GLN A 198 -11.60 -1.90 24.31
CA GLN A 198 -12.63 -1.08 24.95
C GLN A 198 -12.07 0.23 25.51
N ALA A 199 -10.89 0.17 26.10
CA ALA A 199 -10.23 1.39 26.55
C ALA A 199 -10.09 2.29 25.33
N TRP A 200 -9.43 1.81 24.29
CA TRP A 200 -9.24 2.61 23.10
C TRP A 200 -10.56 3.16 22.53
N ALA A 201 -11.60 2.33 22.50
CA ALA A 201 -12.88 2.74 21.96
C ALA A 201 -13.45 3.92 22.75
N ALA A 202 -13.20 3.90 24.06
CA ALA A 202 -13.63 4.97 24.93
C ALA A 202 -12.90 6.29 24.66
N GLU A 203 -11.59 6.22 24.38
CA GLU A 203 -10.88 7.41 23.93
C GLU A 203 -11.56 7.98 22.70
N ILE A 204 -11.74 7.12 21.70
CA ILE A 204 -12.36 7.51 20.44
C ILE A 204 -13.79 8.05 20.60
N ALA A 205 -14.54 7.47 21.53
CA ALA A 205 -15.87 7.98 21.86
C ALA A 205 -15.85 9.43 22.32
N ARG A 206 -14.70 9.90 22.78
CA ARG A 206 -14.59 11.27 23.24
C ARG A 206 -14.11 12.21 22.15
N LEU A 207 -13.85 11.68 20.95
CA LEU A 207 -13.40 12.50 19.82
C LEU A 207 -14.56 13.12 19.08
N ALA A 208 -14.25 13.96 18.09
CA ALA A 208 -15.28 14.70 17.37
C ALA A 208 -15.92 13.81 16.29
N PRO A 209 -17.18 13.39 16.54
CA PRO A 209 -17.88 12.45 15.67
C PRO A 209 -17.85 12.82 14.18
N LEU A 210 -18.14 14.07 13.83
CA LEU A 210 -18.19 14.42 12.40
C LEU A 210 -16.83 14.18 11.73
N ALA A 211 -15.75 14.61 12.38
CA ALA A 211 -14.41 14.36 11.85
C ALA A 211 -14.24 12.87 11.58
N ILE A 212 -14.69 12.04 12.51
CA ILE A 212 -14.58 10.60 12.37
C ILE A 212 -15.48 10.08 11.26
N GLN A 213 -16.70 10.61 11.18
CA GLN A 213 -17.61 10.29 10.09
C GLN A 213 -16.98 10.54 8.72
N HIS A 214 -16.44 11.74 8.53
CA HIS A 214 -15.74 12.09 7.31
C HIS A 214 -14.58 11.17 6.95
N ALA A 215 -13.64 10.98 7.87
CA ALA A 215 -12.46 10.17 7.58
C ALA A 215 -12.86 8.75 7.20
N LYS A 216 -13.71 8.14 8.01
CA LYS A 216 -14.24 6.81 7.71
C LYS A 216 -14.85 6.70 6.30
N ARG A 217 -15.68 7.68 5.92
CA ARG A 217 -16.33 7.62 4.62
C ARG A 217 -15.28 7.63 3.51
N VAL A 218 -14.32 8.56 3.61
CA VAL A 218 -13.26 8.69 2.61
C VAL A 218 -12.32 7.48 2.58
N LEU A 219 -11.91 7.04 3.77
CA LEU A 219 -11.08 5.84 3.87
C LEU A 219 -11.73 4.64 3.16
N ASN A 220 -13.01 4.42 3.42
CA ASN A 220 -13.74 3.30 2.83
C ASN A 220 -13.95 3.53 1.35
N ASP A 221 -13.78 4.77 0.92
CA ASP A 221 -13.98 5.07 -0.48
C ASP A 221 -12.67 5.08 -1.25
N ASP A 222 -11.68 4.34 -0.74
CA ASP A 222 -10.34 4.34 -1.32
C ASP A 222 -10.27 3.56 -2.64
N GLY A 223 -11.40 3.00 -3.07
CA GLY A 223 -11.45 2.14 -4.23
C GLY A 223 -11.79 0.69 -3.92
N ALA A 224 -11.50 0.25 -2.70
CA ALA A 224 -11.68 -1.16 -2.39
C ALA A 224 -13.09 -1.69 -2.76
N ILE A 225 -14.12 -0.88 -2.50
CA ILE A 225 -15.48 -1.24 -2.91
C ILE A 225 -15.54 -1.20 -4.43
N GLU A 226 -15.24 -2.32 -5.07
CA GLU A 226 -15.09 -2.43 -6.53
C GLU A 226 -16.06 -3.44 -7.13
N GLU A 227 -16.68 -3.09 -8.25
CA GLU A 227 -17.49 -4.07 -8.95
C GLU A 227 -16.61 -5.00 -9.77
N ALA A 228 -16.90 -6.29 -9.69
CA ALA A 228 -16.10 -7.33 -10.34
C ALA A 228 -16.06 -7.09 -11.84
N TRP A 229 -14.87 -7.13 -12.43
CA TRP A 229 -14.82 -6.92 -13.88
C TRP A 229 -15.49 -8.11 -14.52
N PRO A 230 -15.86 -7.98 -15.81
CA PRO A 230 -16.47 -9.07 -16.57
C PRO A 230 -15.66 -10.36 -16.47
N ALA A 231 -14.36 -10.32 -16.72
CA ALA A 231 -13.56 -11.54 -16.61
C ALA A 231 -13.54 -12.07 -15.17
N HIS A 232 -13.62 -11.18 -14.19
CA HIS A 232 -13.58 -11.62 -12.80
C HIS A 232 -14.84 -12.42 -12.47
N LYS A 233 -15.98 -12.06 -13.07
CA LYS A 233 -17.22 -12.76 -12.72
C LYS A 233 -17.21 -14.16 -13.30
N GLU A 234 -16.80 -14.23 -14.56
CA GLU A 234 -16.51 -15.47 -15.24
C GLU A 234 -15.75 -16.45 -14.31
N LEU A 235 -14.51 -16.09 -13.99
CA LEU A 235 -13.63 -16.92 -13.17
C LEU A 235 -14.27 -17.27 -11.84
N PHE A 236 -15.02 -16.32 -11.30
CA PHE A 236 -15.73 -16.50 -10.04
C PHE A 236 -16.74 -17.63 -10.15
N ASP A 237 -17.65 -17.47 -11.11
CA ASP A 237 -18.70 -18.44 -11.36
C ASP A 237 -18.08 -19.76 -11.73
N LYS A 238 -17.04 -19.73 -12.55
CA LYS A 238 -16.38 -20.97 -12.93
C LYS A 238 -15.85 -21.70 -11.69
N ALA A 239 -15.22 -20.95 -10.79
CA ALA A 239 -14.74 -21.52 -9.55
C ALA A 239 -15.89 -22.08 -8.71
N TRP A 240 -16.94 -21.28 -8.54
CA TRP A 240 -18.04 -21.71 -7.69
C TRP A 240 -18.86 -22.91 -8.20
N GLY A 241 -18.90 -23.12 -9.52
CA GLY A 241 -19.66 -24.20 -10.09
C GLY A 241 -18.81 -25.42 -10.41
N SER A 242 -17.56 -25.37 -9.99
CA SER A 242 -16.59 -26.41 -10.32
C SER A 242 -16.84 -27.66 -9.50
N GLN A 243 -16.35 -28.77 -10.03
CA GLN A 243 -16.40 -30.03 -9.34
C GLN A 243 -15.36 -30.05 -8.22
N ASP A 244 -14.31 -29.24 -8.37
CA ASP A 244 -13.28 -29.18 -7.34
C ASP A 244 -13.87 -28.68 -6.03
N VAL A 245 -14.83 -27.77 -6.11
CA VAL A 245 -15.56 -27.36 -4.93
C VAL A 245 -16.13 -28.53 -4.13
N ILE A 246 -16.77 -29.48 -4.81
CA ILE A 246 -17.32 -30.65 -4.13
C ILE A 246 -16.21 -31.56 -3.62
N GLU A 247 -15.17 -31.71 -4.42
CA GLU A 247 -14.03 -32.54 -4.04
C GLU A 247 -13.39 -32.02 -2.75
N ALA A 248 -13.34 -30.71 -2.59
CA ALA A 248 -12.62 -30.12 -1.46
C ALA A 248 -13.39 -30.36 -0.16
N GLN A 249 -14.71 -30.36 -0.25
CA GLN A 249 -15.53 -30.61 0.94
C GLN A 249 -15.45 -32.08 1.35
N VAL A 250 -15.71 -32.98 0.42
CA VAL A 250 -15.58 -34.41 0.72
C VAL A 250 -14.20 -34.72 1.33
N ALA A 251 -13.15 -34.15 0.73
CA ALA A 251 -11.79 -34.32 1.26
C ALA A 251 -11.71 -33.85 2.71
N ARG A 252 -12.06 -32.58 2.93
CA ARG A 252 -12.09 -32.02 4.28
C ARG A 252 -12.82 -32.94 5.27
N MET A 253 -14.01 -33.38 4.88
CA MET A 253 -14.83 -34.23 5.71
C MET A 253 -14.11 -35.54 5.99
N GLU A 254 -13.30 -35.99 5.04
CA GLU A 254 -12.64 -37.28 5.18
C GLU A 254 -11.26 -37.12 5.80
N LYS A 255 -10.92 -35.88 6.14
CA LYS A 255 -9.60 -35.58 6.66
C LYS A 255 -8.54 -36.23 5.75
N ARG A 256 -8.65 -35.96 4.45
CA ARG A 256 -7.67 -36.41 3.46
C ARG A 256 -7.26 -35.26 2.52
N PRO A 257 -6.09 -35.39 1.88
CA PRO A 257 -5.70 -34.37 0.90
C PRO A 257 -6.72 -34.36 -0.23
N PRO A 258 -7.00 -33.19 -0.81
CA PRO A 258 -7.89 -33.17 -1.96
C PRO A 258 -7.11 -33.44 -3.25
N LYS A 259 -7.78 -34.06 -4.23
CA LYS A 259 -7.18 -34.29 -5.53
C LYS A 259 -7.93 -33.47 -6.56
N PHE A 260 -7.57 -32.19 -6.67
CA PHE A 260 -8.22 -31.26 -7.60
C PHE A 260 -7.96 -31.55 -9.07
N GLN A 261 -8.91 -31.17 -9.91
CA GLN A 261 -8.84 -31.45 -11.34
C GLN A 261 -8.74 -30.18 -12.17
N GLY A 262 -8.88 -29.05 -11.51
CA GLY A 262 -8.85 -27.77 -12.17
C GLY A 262 -10.14 -27.54 -12.92
N ALA A 263 -11.18 -28.30 -12.57
CA ALA A 263 -12.49 -28.18 -13.21
C ALA A 263 -13.67 -28.41 -12.26
N HIS B 20 11.91 37.34 4.49
CA HIS B 20 11.89 37.65 5.92
C HIS B 20 11.39 36.51 6.82
N MET B 21 10.85 35.44 6.23
CA MET B 21 10.26 34.34 7.01
C MET B 21 10.78 32.94 6.69
N ILE B 22 11.74 32.87 5.76
CA ILE B 22 12.42 31.63 5.44
C ILE B 22 13.89 31.95 5.11
N GLY B 23 14.71 30.90 5.09
CA GLY B 23 16.11 31.02 4.78
C GLY B 23 16.42 30.14 3.61
N ILE B 24 17.13 30.69 2.64
CA ILE B 24 17.49 29.98 1.43
C ILE B 24 18.99 30.01 1.24
N THR B 25 19.63 28.84 1.27
CA THR B 25 21.05 28.75 0.97
C THR B 25 21.27 27.59 0.01
N GLN B 26 22.36 27.65 -0.74
CA GLN B 26 22.67 26.65 -1.76
C GLN B 26 24.13 26.20 -1.64
N ALA B 27 24.35 24.89 -1.69
CA ALA B 27 25.71 24.36 -1.63
C ALA B 27 25.84 23.21 -2.61
N GLU B 28 26.88 23.25 -3.44
CA GLU B 28 26.98 22.30 -4.53
C GLU B 28 25.78 22.59 -5.43
N ALA B 29 25.00 21.55 -5.70
CA ALA B 29 23.81 21.70 -6.52
C ALA B 29 22.56 21.49 -5.69
N VAL B 30 22.67 21.75 -4.39
CA VAL B 30 21.57 21.53 -3.47
C VAL B 30 21.05 22.83 -2.87
N LEU B 31 19.79 23.12 -3.14
CA LEU B 31 19.13 24.27 -2.57
C LEU B 31 18.54 23.89 -1.23
N THR B 32 18.89 24.59 -0.15
CA THR B 32 18.20 24.31 1.12
C THR B 32 17.26 25.43 1.50
N ILE B 33 15.97 25.09 1.58
CA ILE B 33 14.96 26.02 2.04
C ILE B 33 14.54 25.73 3.49
N GLU B 34 14.73 26.72 4.35
CA GLU B 34 14.44 26.58 5.77
C GLU B 34 13.27 27.46 6.21
N LEU B 35 12.26 26.85 6.84
CA LEU B 35 11.17 27.60 7.47
C LEU B 35 11.72 28.32 8.70
N GLN B 36 11.55 29.64 8.75
CA GLN B 36 12.15 30.40 9.82
C GLN B 36 11.15 31.15 10.70
N ARG B 37 10.23 30.39 11.27
CA ARG B 37 9.29 30.91 12.24
C ARG B 37 9.28 29.93 13.43
N PRO B 38 10.44 29.78 14.07
CA PRO B 38 10.54 28.81 15.16
C PRO B 38 9.70 29.21 16.37
N GLU B 39 9.32 30.48 16.47
CA GLU B 39 8.61 30.97 17.63
C GLU B 39 7.14 30.54 17.61
N ARG B 40 6.71 29.97 16.48
CA ARG B 40 5.38 29.37 16.38
C ARG B 40 5.53 27.92 15.90
N ARG B 41 6.73 27.39 16.11
CA ARG B 41 7.09 26.06 15.66
C ARG B 41 6.90 25.89 14.15
N ASN B 42 7.22 26.95 13.43
CA ASN B 42 7.15 26.98 11.97
C ASN B 42 5.74 26.80 11.44
N ALA B 43 4.75 27.18 12.25
CA ALA B 43 3.36 27.11 11.82
C ALA B 43 3.16 28.01 10.62
N LEU B 44 2.40 27.51 9.65
CA LEU B 44 2.16 28.20 8.39
C LEU B 44 1.22 29.38 8.53
N ASN B 45 1.46 30.41 7.72
CA ASN B 45 0.50 31.51 7.56
C ASN B 45 0.67 32.08 6.16
N SER B 46 -0.11 33.13 5.84
CA SER B 46 -0.12 33.69 4.50
C SER B 46 1.26 33.96 3.94
N GLN B 47 2.03 34.75 4.66
CA GLN B 47 3.32 35.20 4.20
C GLN B 47 4.32 34.05 4.00
N LEU B 48 4.39 33.15 4.97
CA LEU B 48 5.34 32.06 4.94
C LEU B 48 5.05 31.16 3.75
N VAL B 49 3.77 30.93 3.48
CA VAL B 49 3.37 30.07 2.37
C VAL B 49 3.74 30.73 1.04
N GLU B 50 3.50 32.03 0.95
CA GLU B 50 3.80 32.79 -0.25
C GLU B 50 5.29 32.74 -0.51
N GLU B 51 6.08 32.90 0.54
CA GLU B 51 7.53 32.91 0.38
C GLU B 51 8.08 31.53 0.01
N LEU B 52 7.46 30.47 0.52
CA LEU B 52 7.85 29.11 0.17
C LEU B 52 7.57 28.81 -1.29
N THR B 53 6.35 29.13 -1.72
CA THR B 53 6.00 29.03 -3.12
C THR B 53 7.08 29.71 -4.00
N GLN B 54 7.32 30.99 -3.76
CA GLN B 54 8.34 31.69 -4.53
C GLN B 54 9.65 30.92 -4.55
N ALA B 55 10.09 30.44 -3.39
CA ALA B 55 11.37 29.77 -3.32
C ALA B 55 11.39 28.44 -4.07
N ILE B 56 10.28 27.70 -4.05
CA ILE B 56 10.22 26.49 -4.85
C ILE B 56 10.30 26.82 -6.33
N ARG B 57 9.51 27.79 -6.78
CA ARG B 57 9.52 28.15 -8.20
C ARG B 57 10.86 28.70 -8.67
N LYS B 58 11.40 29.67 -7.92
CA LYS B 58 12.64 30.31 -8.34
C LYS B 58 13.83 29.35 -8.21
N ALA B 59 13.62 28.20 -7.60
CA ALA B 59 14.69 27.20 -7.48
C ALA B 59 15.19 26.78 -8.86
N GLY B 60 16.43 26.28 -8.92
CA GLY B 60 17.03 25.98 -10.20
C GLY B 60 16.80 27.09 -11.21
N ASP B 61 17.46 28.22 -10.97
CA ASP B 61 17.35 29.39 -11.84
C ASP B 61 18.68 29.82 -12.46
N GLY B 62 19.80 29.61 -11.77
CA GLY B 62 19.93 28.76 -10.59
C GLY B 62 20.47 27.45 -11.11
N SER B 63 21.57 26.96 -10.54
CA SER B 63 22.17 25.74 -11.06
C SER B 63 21.75 24.45 -10.33
N ALA B 64 20.90 24.59 -9.31
CA ALA B 64 20.57 23.49 -8.40
C ALA B 64 19.70 22.42 -9.02
N ARG B 65 19.94 21.18 -8.63
CA ARG B 65 19.20 20.05 -9.15
C ARG B 65 18.43 19.35 -8.05
N ALA B 66 18.49 19.90 -6.84
CA ALA B 66 17.80 19.27 -5.72
C ALA B 66 17.50 20.23 -4.58
N ILE B 67 16.36 20.01 -3.92
CA ILE B 67 15.94 20.88 -2.85
C ILE B 67 15.89 20.12 -1.54
N VAL B 68 16.44 20.70 -0.48
CA VAL B 68 16.16 20.19 0.86
C VAL B 68 15.27 21.17 1.60
N LEU B 69 14.11 20.67 2.03
CA LEU B 69 13.15 21.47 2.78
C LEU B 69 13.18 21.04 4.24
N THR B 70 13.45 22.00 5.13
CA THR B 70 13.57 21.73 6.56
C THR B 70 12.98 22.87 7.40
N GLY B 71 12.92 22.67 8.72
CA GLY B 71 12.46 23.69 9.62
C GLY B 71 13.53 24.15 10.61
N GLN B 72 13.48 25.42 11.00
CA GLN B 72 14.40 25.94 12.01
C GLN B 72 13.83 25.67 13.38
N GLY B 73 14.65 25.14 14.28
CA GLY B 73 14.22 24.85 15.65
C GLY B 73 13.83 23.41 15.95
N THR B 74 12.95 23.24 16.92
CA THR B 74 12.60 21.91 17.42
C THR B 74 11.59 21.16 16.52
N ALA B 75 10.86 21.92 15.69
CA ALA B 75 9.78 21.39 14.86
C ALA B 75 9.98 21.61 13.35
N PHE B 76 9.43 20.71 12.55
CA PHE B 76 9.37 20.90 11.11
C PHE B 76 8.28 21.93 10.82
N CYS B 77 7.04 21.56 11.11
CA CYS B 77 5.94 22.50 10.94
C CYS B 77 4.73 22.08 11.76
N ALA B 78 4.44 22.85 12.80
CA ALA B 78 3.45 22.44 13.81
C ALA B 78 1.98 22.60 13.42
N GLY B 79 1.70 23.22 12.28
CA GLY B 79 0.34 23.34 11.82
C GLY B 79 0.18 24.64 11.08
N ALA B 80 -0.95 25.29 11.25
CA ALA B 80 -1.14 26.60 10.66
C ALA B 80 -1.48 27.60 11.76
N ASP B 81 -1.15 28.86 11.54
CA ASP B 81 -1.38 29.89 12.56
C ASP B 81 -2.39 30.94 12.10
N LEU B 82 -1.89 31.97 11.43
CA LEU B 82 -2.75 33.02 10.88
C LEU B 82 -3.03 34.13 11.91
N SER B 83 -2.78 33.84 13.18
CA SER B 83 -2.94 34.84 14.24
C SER B 83 -2.19 36.10 13.80
N GLY B 84 -2.92 37.23 13.75
CA GLY B 84 -2.32 38.49 13.33
C GLY B 84 -1.76 38.45 11.91
N ASP B 85 -2.60 37.99 10.99
CA ASP B 85 -2.19 37.75 9.60
C ASP B 85 -3.09 38.58 8.68
N ALA B 86 -2.55 39.69 8.18
CA ALA B 86 -3.33 40.61 7.34
C ALA B 86 -4.10 39.95 6.19
N PHE B 87 -3.41 39.25 5.28
CA PHE B 87 -4.06 38.58 4.14
C PHE B 87 -4.50 37.13 4.47
N ALA B 88 -5.16 36.96 5.62
CA ALA B 88 -5.47 35.63 6.17
C ALA B 88 -6.57 34.84 5.48
N ALA B 89 -7.35 35.50 4.62
CA ALA B 89 -8.48 34.84 3.98
C ALA B 89 -8.07 34.06 2.74
N ASP B 90 -7.09 34.58 2.00
CA ASP B 90 -6.58 33.89 0.82
C ASP B 90 -5.40 32.99 1.18
N TYR B 91 -5.45 32.43 2.38
CA TYR B 91 -4.42 31.50 2.84
C TYR B 91 -4.68 30.09 2.34
N PRO B 92 -5.95 29.61 2.41
CA PRO B 92 -6.24 28.29 1.85
C PRO B 92 -5.84 28.27 0.37
N ASP B 93 -6.01 29.42 -0.27
CA ASP B 93 -5.65 29.55 -1.66
C ASP B 93 -4.16 29.51 -1.86
N ARG B 94 -3.43 30.29 -1.07
CA ARG B 94 -1.98 30.33 -1.22
C ARG B 94 -1.32 28.98 -0.87
N LEU B 95 -1.98 28.18 -0.05
CA LEU B 95 -1.46 26.87 0.37
C LEU B 95 -1.65 25.85 -0.73
N ILE B 96 -2.69 26.04 -1.53
CA ILE B 96 -2.95 25.17 -2.66
C ILE B 96 -1.93 25.45 -3.75
N GLU B 97 -1.61 26.73 -3.93
CA GLU B 97 -0.54 27.15 -4.84
C GLU B 97 0.79 26.51 -4.45
N LEU B 98 1.05 26.42 -3.16
CA LEU B 98 2.31 25.86 -2.72
C LEU B 98 2.39 24.39 -3.10
N HIS B 99 1.38 23.62 -2.72
CA HIS B 99 1.38 22.23 -3.11
C HIS B 99 1.48 22.07 -4.63
N LYS B 100 0.79 22.91 -5.40
CA LYS B 100 0.90 22.84 -6.85
C LYS B 100 2.34 23.00 -7.29
N ALA B 101 2.97 24.05 -6.79
CA ALA B 101 4.36 24.35 -7.12
C ALA B 101 5.28 23.17 -6.87
N MET B 102 5.13 22.57 -5.69
CA MET B 102 5.97 21.44 -5.30
C MET B 102 5.72 20.23 -6.19
N ASP B 103 4.45 19.87 -6.38
CA ASP B 103 4.08 18.81 -7.30
C ASP B 103 4.56 19.06 -8.75
N ALA B 104 4.69 20.32 -9.14
CA ALA B 104 5.08 20.65 -10.49
C ALA B 104 6.57 20.90 -10.65
N SER B 105 7.29 21.02 -9.55
CA SER B 105 8.72 21.28 -9.64
C SER B 105 9.46 20.11 -10.24
N PRO B 106 10.29 20.38 -11.25
CA PRO B 106 11.06 19.32 -11.92
C PRO B 106 12.14 18.84 -10.99
N MET B 107 12.19 19.44 -9.81
CA MET B 107 13.25 19.13 -8.87
C MET B 107 12.77 18.26 -7.74
N PRO B 108 13.56 17.22 -7.41
CA PRO B 108 13.21 16.37 -6.28
C PRO B 108 13.40 17.18 -5.01
N VAL B 109 12.43 17.10 -4.11
CA VAL B 109 12.48 17.78 -2.84
C VAL B 109 12.68 16.78 -1.71
N VAL B 110 13.82 16.89 -1.03
CA VAL B 110 14.08 16.02 0.11
C VAL B 110 13.66 16.77 1.38
N GLY B 111 12.64 16.27 2.07
CA GLY B 111 12.25 16.83 3.35
C GLY B 111 13.18 16.38 4.47
N ALA B 112 13.87 17.33 5.08
CA ALA B 112 14.58 17.06 6.32
C ALA B 112 13.62 17.40 7.45
N ILE B 113 12.86 16.40 7.87
CA ILE B 113 11.87 16.57 8.92
C ILE B 113 12.53 16.60 10.29
N ASN B 114 12.97 17.77 10.72
CA ASN B 114 13.82 17.91 11.89
C ASN B 114 13.08 17.71 13.20
N GLY B 115 11.77 17.78 13.14
CA GLY B 115 10.95 17.73 14.34
C GLY B 115 9.52 17.42 13.94
N PRO B 116 8.58 17.63 14.88
CA PRO B 116 7.16 17.38 14.61
C PRO B 116 6.64 17.98 13.30
N ALA B 117 5.81 17.23 12.62
CA ALA B 117 5.11 17.67 11.42
C ALA B 117 3.64 17.37 11.67
N ILE B 118 2.84 18.42 11.82
CA ILE B 118 1.45 18.26 12.22
C ILE B 118 0.49 19.03 11.33
N GLY B 119 -0.66 18.42 11.06
CA GLY B 119 -1.66 19.02 10.21
C GLY B 119 -1.09 19.53 8.90
N ALA B 120 -1.22 20.84 8.69
CA ALA B 120 -0.65 21.42 7.51
C ALA B 120 0.82 21.03 7.42
N GLY B 121 1.48 20.86 8.56
CA GLY B 121 2.88 20.49 8.57
C GLY B 121 3.11 19.11 7.98
N LEU B 122 2.19 18.19 8.28
CA LEU B 122 2.27 16.84 7.79
C LEU B 122 2.00 16.81 6.29
N GLN B 123 1.04 17.60 5.87
CA GLN B 123 0.75 17.74 4.45
C GLN B 123 2.00 18.15 3.70
N LEU B 124 2.56 19.27 4.12
CA LEU B 124 3.78 19.77 3.50
C LEU B 124 4.88 18.71 3.52
N ALA B 125 5.01 17.98 4.64
CA ALA B 125 6.01 16.93 4.73
C ALA B 125 5.76 15.88 3.67
N MET B 126 4.51 15.46 3.51
CA MET B 126 4.17 14.44 2.50
C MET B 126 4.33 14.91 1.05
N GLN B 127 4.36 16.21 0.84
CA GLN B 127 4.37 16.72 -0.51
C GLN B 127 5.81 16.77 -0.97
N CYS B 128 6.75 16.64 -0.04
CA CYS B 128 8.13 16.38 -0.41
C CYS B 128 8.21 15.09 -1.22
N ASP B 129 9.30 14.87 -1.96
CA ASP B 129 9.43 13.66 -2.74
C ASP B 129 10.15 12.57 -1.96
N LEU B 130 10.96 12.98 -0.99
CA LEU B 130 11.65 12.05 -0.11
C LEU B 130 11.72 12.63 1.30
N ARG B 131 11.93 11.76 2.29
CA ARG B 131 11.91 12.25 3.66
C ARG B 131 12.98 11.61 4.51
N VAL B 132 13.80 12.44 5.14
CA VAL B 132 14.80 11.99 6.09
C VAL B 132 14.36 12.52 7.42
N VAL B 133 14.05 11.62 8.35
CA VAL B 133 13.32 12.02 9.54
C VAL B 133 14.21 12.00 10.77
N ALA B 134 14.13 13.05 11.60
CA ALA B 134 14.89 13.05 12.86
C ALA B 134 14.26 12.09 13.87
N PRO B 135 15.08 11.49 14.74
CA PRO B 135 14.59 10.47 15.68
C PRO B 135 13.42 10.93 16.52
N ASP B 136 13.36 12.22 16.84
CA ASP B 136 12.34 12.72 17.77
C ASP B 136 11.20 13.42 17.06
N ALA B 137 11.20 13.38 15.75
CA ALA B 137 10.04 13.86 15.01
C ALA B 137 8.86 12.89 15.06
N PHE B 138 7.65 13.41 15.06
CA PHE B 138 6.49 12.58 14.83
C PHE B 138 5.56 13.27 13.83
N PHE B 139 4.67 12.52 13.20
CA PHE B 139 3.68 13.09 12.29
C PHE B 139 2.32 12.87 12.88
N GLN B 140 1.39 13.75 12.58
CA GLN B 140 0.07 13.61 13.14
C GLN B 140 -0.95 14.44 12.39
N PHE B 141 -2.13 13.86 12.23
CA PHE B 141 -3.31 14.59 11.83
C PHE B 141 -4.24 14.60 13.02
N PRO B 142 -4.23 15.70 13.79
CA PRO B 142 -5.14 15.73 14.95
C PRO B 142 -6.53 16.21 14.58
N THR B 143 -6.92 16.10 13.32
CA THR B 143 -8.21 16.63 12.91
C THR B 143 -9.34 16.04 13.72
N SER B 144 -9.23 14.77 14.12
CA SER B 144 -10.29 14.17 14.94
C SER B 144 -10.44 14.78 16.33
N LYS B 145 -9.39 15.42 16.85
CA LYS B 145 -9.48 16.12 18.14
C LYS B 145 -10.01 17.53 17.99
N TYR B 146 -10.06 18.04 16.78
CA TYR B 146 -10.44 19.42 16.59
C TYR B 146 -11.75 19.59 15.85
N GLY B 147 -12.39 18.47 15.51
CA GLY B 147 -13.66 18.50 14.77
C GLY B 147 -13.54 18.78 13.28
N LEU B 148 -12.36 18.60 12.71
CA LEU B 148 -12.11 18.97 11.32
C LEU B 148 -12.08 17.81 10.34
N ALA B 149 -12.02 18.15 9.05
CA ALA B 149 -11.91 17.17 7.98
C ALA B 149 -10.80 17.56 7.00
N LEU B 150 -10.13 16.54 6.44
CA LEU B 150 -9.02 16.77 5.52
C LEU B 150 -9.46 16.70 4.07
N ASP B 151 -8.63 17.20 3.18
CA ASP B 151 -8.85 17.03 1.75
C ASP B 151 -8.50 15.60 1.35
N ASN B 152 -9.07 15.11 0.26
CA ASN B 152 -8.85 13.71 -0.12
C ASN B 152 -7.38 13.37 -0.32
N TRP B 153 -6.63 14.26 -0.95
CA TRP B 153 -5.23 13.95 -1.19
C TRP B 153 -4.48 13.64 0.11
N SER B 154 -4.69 14.46 1.14
CA SER B 154 -4.02 14.23 2.41
C SER B 154 -4.24 12.81 2.86
N ILE B 155 -5.48 12.35 2.68
CA ILE B 155 -5.84 11.01 3.12
C ILE B 155 -5.19 9.92 2.23
N ARG B 156 -5.34 10.05 0.92
CA ARG B 156 -4.75 9.10 -0.02
C ARG B 156 -3.23 9.01 0.11
N ARG B 157 -2.54 10.14 0.09
CA ARG B 157 -1.08 10.12 0.22
C ARG B 157 -0.66 9.49 1.55
N LEU B 158 -1.27 9.94 2.65
CA LEU B 158 -1.05 9.30 3.94
C LEU B 158 -1.19 7.78 3.86
N SER B 159 -2.33 7.31 3.39
CA SER B 159 -2.52 5.88 3.24
C SER B 159 -1.35 5.21 2.52
N SER B 160 -0.86 5.82 1.44
CA SER B 160 0.20 5.19 0.66
C SER B 160 1.53 5.26 1.41
N LEU B 161 1.69 6.22 2.31
CA LEU B 161 2.95 6.35 3.02
C LEU B 161 3.02 5.55 4.32
N VAL B 162 1.88 5.36 4.98
CA VAL B 162 1.93 4.60 6.23
C VAL B 162 1.21 3.26 6.16
N GLY B 163 0.49 3.04 5.07
CA GLY B 163 -0.35 1.86 4.95
C GLY B 163 -1.75 2.19 5.40
N HIS B 164 -2.73 1.61 4.74
CA HIS B 164 -4.11 1.91 5.03
C HIS B 164 -4.42 1.69 6.51
N GLY B 165 -4.07 0.51 7.03
CA GLY B 165 -4.35 0.17 8.41
C GLY B 165 -3.89 1.28 9.34
N ARG B 166 -2.61 1.60 9.29
CA ARG B 166 -2.09 2.65 10.13
C ARG B 166 -2.74 4.02 9.84
N ALA B 167 -3.11 4.27 8.58
CA ALA B 167 -3.79 5.53 8.23
C ALA B 167 -5.12 5.62 8.93
N ARG B 168 -5.78 4.49 9.10
CA ARG B 168 -7.07 4.48 9.81
C ARG B 168 -6.90 4.93 11.26
N ALA B 169 -5.82 4.50 11.89
CA ALA B 169 -5.57 4.88 13.28
C ALA B 169 -5.22 6.38 13.38
N MET B 170 -4.45 6.88 12.44
CA MET B 170 -3.98 8.25 12.55
C MET B 170 -5.11 9.24 12.39
N LEU B 171 -6.11 8.84 11.62
CA LEU B 171 -7.19 9.72 11.19
C LEU B 171 -8.43 9.58 12.05
N LEU B 172 -8.73 8.36 12.46
CA LEU B 172 -9.92 8.09 13.24
C LEU B 172 -9.69 8.32 14.73
N SER B 173 -8.42 8.33 15.14
CA SER B 173 -8.12 8.53 16.54
C SER B 173 -6.94 9.46 16.75
N ALA B 174 -6.52 10.17 15.71
CA ALA B 174 -5.49 11.18 15.88
C ALA B 174 -4.18 10.60 16.40
N GLU B 175 -3.89 9.36 16.05
CA GLU B 175 -2.67 8.74 16.53
C GLU B 175 -1.40 9.34 15.90
N LYS B 176 -0.36 9.49 16.71
CA LYS B 176 0.92 10.02 16.26
C LYS B 176 1.72 8.93 15.57
N LEU B 177 2.48 9.33 14.56
CA LEU B 177 3.38 8.42 13.87
C LEU B 177 4.81 8.76 14.28
N THR B 178 5.42 7.90 15.08
CA THR B 178 6.78 8.16 15.53
C THR B 178 7.76 7.85 14.39
N ALA B 179 8.97 8.36 14.53
CA ALA B 179 10.02 8.17 13.55
C ALA B 179 10.34 6.70 13.25
N GLU B 180 10.39 5.86 14.28
CA GLU B 180 10.78 4.47 14.04
C GLU B 180 9.72 3.79 13.17
N ILE B 181 8.46 4.15 13.40
CA ILE B 181 7.35 3.61 12.63
C ILE B 181 7.26 4.20 11.23
N ALA B 182 7.61 5.49 11.11
CA ALA B 182 7.73 6.13 9.80
C ALA B 182 8.75 5.40 8.94
N LEU B 183 9.84 4.95 9.56
CA LEU B 183 10.89 4.25 8.82
C LEU B 183 10.34 2.91 8.37
N HIS B 184 9.60 2.31 9.29
CA HIS B 184 9.00 1.03 9.09
C HIS B 184 8.12 1.00 7.84
N THR B 185 7.17 1.92 7.77
CA THR B 185 6.17 1.96 6.70
C THR B 185 6.70 2.60 5.42
N GLY B 186 7.74 3.41 5.55
CA GLY B 186 8.29 4.13 4.42
C GLY B 186 7.95 5.61 4.38
N MET B 187 7.15 6.10 5.33
CA MET B 187 6.91 7.54 5.47
C MET B 187 8.28 8.21 5.56
N ALA B 188 9.14 7.62 6.37
CA ALA B 188 10.53 8.05 6.39
C ALA B 188 11.32 7.13 5.48
N ASN B 189 12.20 7.72 4.67
CA ASN B 189 13.10 6.90 3.87
C ASN B 189 14.35 6.62 4.69
N ARG B 190 14.72 7.63 5.47
CA ARG B 190 15.86 7.55 6.36
C ARG B 190 15.53 8.24 7.66
N ILE B 191 16.13 7.77 8.73
CA ILE B 191 16.12 8.48 9.97
C ILE B 191 17.48 9.19 10.03
N GLY B 192 17.44 10.51 10.19
CA GLY B 192 18.67 11.28 10.14
C GLY B 192 18.53 12.78 10.30
N THR B 193 19.66 13.46 10.19
CA THR B 193 19.74 14.89 10.41
C THR B 193 19.59 15.67 9.12
N LEU B 194 19.58 16.99 9.24
CA LEU B 194 19.57 17.85 8.07
C LEU B 194 20.77 17.53 7.20
N ALA B 195 21.94 17.47 7.82
CA ALA B 195 23.17 17.13 7.11
C ALA B 195 23.05 15.83 6.32
N ASP B 196 22.48 14.80 6.95
CA ASP B 196 22.24 13.54 6.28
C ASP B 196 21.44 13.76 5.00
N ALA B 197 20.31 14.45 5.14
CA ALA B 197 19.43 14.73 4.03
C ALA B 197 20.18 15.46 2.91
N GLN B 198 20.93 16.48 3.29
CA GLN B 198 21.68 17.26 2.30
C GLN B 198 22.71 16.46 1.54
N ALA B 199 23.44 15.57 2.24
CA ALA B 199 24.41 14.69 1.58
C ALA B 199 23.70 13.78 0.58
N TRP B 200 22.60 13.15 1.01
CA TRP B 200 21.79 12.36 0.12
C TRP B 200 21.37 13.20 -1.08
N ALA B 201 20.86 14.41 -0.83
CA ALA B 201 20.44 15.29 -1.92
C ALA B 201 21.55 15.55 -2.95
N ALA B 202 22.78 15.66 -2.47
CA ALA B 202 23.90 15.88 -3.39
C ALA B 202 24.05 14.72 -4.37
N GLU B 203 23.79 13.50 -3.90
CA GLU B 203 23.92 12.32 -4.75
C GLU B 203 22.85 12.34 -5.82
N ILE B 204 21.63 12.60 -5.39
CA ILE B 204 20.51 12.75 -6.28
C ILE B 204 20.75 13.88 -7.29
N ALA B 205 21.47 14.92 -6.88
CA ALA B 205 21.73 16.02 -7.80
C ALA B 205 22.60 15.59 -8.99
N ARG B 206 23.26 14.44 -8.87
CA ARG B 206 24.13 13.94 -9.93
C ARG B 206 23.48 12.86 -10.79
N LEU B 207 22.21 12.54 -10.51
CA LEU B 207 21.44 11.61 -11.34
C LEU B 207 20.76 12.37 -12.46
N ALA B 208 20.25 11.65 -13.45
CA ALA B 208 19.72 12.27 -14.66
C ALA B 208 18.37 12.96 -14.44
N PRO B 209 18.35 14.30 -14.51
CA PRO B 209 17.15 15.08 -14.19
C PRO B 209 15.91 14.53 -14.88
N LEU B 210 15.97 14.28 -16.18
CA LEU B 210 14.78 13.84 -16.90
C LEU B 210 14.23 12.51 -16.39
N ALA B 211 15.10 11.59 -15.97
CA ALA B 211 14.61 10.36 -15.36
C ALA B 211 13.83 10.70 -14.11
N ILE B 212 14.39 11.56 -13.27
CA ILE B 212 13.75 11.94 -12.03
C ILE B 212 12.41 12.64 -12.26
N GLN B 213 12.39 13.50 -13.27
CA GLN B 213 11.21 14.29 -13.57
C GLN B 213 10.04 13.44 -14.03
N HIS B 214 10.33 12.44 -14.87
CA HIS B 214 9.30 11.47 -15.27
C HIS B 214 8.78 10.70 -14.05
N ALA B 215 9.68 10.14 -13.25
CA ALA B 215 9.25 9.32 -12.13
C ALA B 215 8.40 10.13 -11.15
N LYS B 216 8.77 11.38 -10.89
CA LYS B 216 8.00 12.20 -9.96
C LYS B 216 6.56 12.34 -10.45
N ARG B 217 6.39 12.78 -11.69
CA ARG B 217 5.08 13.00 -12.27
C ARG B 217 4.18 11.78 -12.13
N VAL B 218 4.69 10.61 -12.51
CA VAL B 218 3.93 9.37 -12.43
C VAL B 218 3.58 8.96 -10.99
N LEU B 219 4.58 9.03 -10.11
CA LEU B 219 4.38 8.69 -8.71
C LEU B 219 3.29 9.57 -8.12
N ASN B 220 3.35 10.87 -8.43
CA ASN B 220 2.36 11.80 -7.91
C ASN B 220 1.03 11.60 -8.56
N ASP B 221 1.03 10.95 -9.71
CA ASP B 221 -0.23 10.73 -10.41
C ASP B 221 -0.83 9.38 -10.07
N ASP B 222 -0.47 8.86 -8.91
CA ASP B 222 -1.00 7.58 -8.49
C ASP B 222 -2.50 7.58 -8.14
N GLY B 223 -3.17 8.72 -8.26
CA GLY B 223 -4.55 8.81 -7.85
C GLY B 223 -4.78 9.53 -6.52
N ALA B 224 -3.72 9.70 -5.75
CA ALA B 224 -3.82 10.45 -4.51
C ALA B 224 -4.43 11.85 -4.74
N ILE B 225 -4.10 12.47 -5.86
CA ILE B 225 -4.68 13.76 -6.22
C ILE B 225 -6.13 13.55 -6.70
N GLU B 226 -7.03 13.42 -5.74
CA GLU B 226 -8.38 12.98 -6.02
C GLU B 226 -9.43 14.04 -5.71
N GLU B 227 -10.26 14.38 -6.69
CA GLU B 227 -11.42 15.21 -6.41
C GLU B 227 -12.33 14.52 -5.39
N ALA B 228 -12.86 15.28 -4.43
CA ALA B 228 -13.74 14.74 -3.40
C ALA B 228 -15.07 14.23 -3.98
N TRP B 229 -15.54 13.07 -3.52
CA TRP B 229 -16.87 12.60 -3.90
C TRP B 229 -17.94 13.45 -3.21
N PRO B 230 -19.15 13.48 -3.78
CA PRO B 230 -20.24 14.23 -3.15
C PRO B 230 -20.29 14.04 -1.64
N ALA B 231 -20.26 12.79 -1.19
CA ALA B 231 -20.44 12.51 0.24
C ALA B 231 -19.29 13.07 1.04
N HIS B 232 -18.10 13.09 0.45
CA HIS B 232 -16.92 13.66 1.10
C HIS B 232 -17.02 15.19 1.24
N LYS B 233 -17.52 15.88 0.22
CA LYS B 233 -17.70 17.32 0.31
C LYS B 233 -18.74 17.66 1.36
N GLU B 234 -19.81 16.90 1.36
CA GLU B 234 -20.88 17.11 2.31
C GLU B 234 -20.40 17.00 3.76
N LEU B 235 -19.64 15.94 4.07
CA LEU B 235 -19.19 15.66 5.44
C LEU B 235 -18.09 16.62 5.88
N PHE B 236 -17.16 16.85 4.97
CA PHE B 236 -16.16 17.90 5.10
C PHE B 236 -16.84 19.21 5.51
N ASP B 237 -17.87 19.62 4.78
CA ASP B 237 -18.53 20.87 5.09
C ASP B 237 -19.28 20.86 6.43
N LYS B 238 -19.95 19.76 6.76
CA LYS B 238 -20.65 19.67 8.05
C LYS B 238 -19.70 19.87 9.20
N ALA B 239 -18.58 19.18 9.15
CA ALA B 239 -17.54 19.28 10.16
C ALA B 239 -17.01 20.71 10.26
N TRP B 240 -16.64 21.31 9.15
CA TRP B 240 -15.99 22.61 9.23
C TRP B 240 -16.93 23.66 9.75
N GLY B 241 -18.21 23.55 9.42
CA GLY B 241 -19.18 24.52 9.90
C GLY B 241 -19.86 24.10 11.19
N SER B 242 -19.34 23.06 11.83
CA SER B 242 -19.98 22.50 13.01
C SER B 242 -19.74 23.31 14.26
N GLN B 243 -20.58 23.09 15.26
CA GLN B 243 -20.40 23.70 16.56
C GLN B 243 -19.24 23.06 17.29
N ASP B 244 -18.97 21.81 16.96
CA ASP B 244 -17.92 21.04 17.61
C ASP B 244 -16.54 21.67 17.40
N VAL B 245 -16.39 22.34 16.27
CA VAL B 245 -15.12 22.99 15.99
C VAL B 245 -14.88 24.07 17.03
N ILE B 246 -15.90 24.85 17.36
CA ILE B 246 -15.76 25.85 18.41
C ILE B 246 -15.50 25.16 19.76
N GLU B 247 -16.27 24.11 20.05
CA GLU B 247 -16.11 23.36 21.30
C GLU B 247 -14.68 22.83 21.54
N ALA B 248 -14.06 22.26 20.52
CA ALA B 248 -12.65 21.85 20.61
C ALA B 248 -11.72 22.99 21.04
N GLN B 249 -11.90 24.17 20.46
CA GLN B 249 -11.02 25.29 20.76
C GLN B 249 -11.25 25.87 22.16
N VAL B 250 -12.51 26.07 22.53
CA VAL B 250 -12.83 26.63 23.84
C VAL B 250 -12.46 25.65 24.95
N ALA B 251 -12.60 24.36 24.67
CA ALA B 251 -12.13 23.34 25.62
C ALA B 251 -10.61 23.44 25.80
N ARG B 252 -9.90 23.57 24.68
CA ARG B 252 -8.45 23.80 24.76
C ARG B 252 -8.14 25.04 25.60
N MET B 253 -8.90 26.12 25.40
CA MET B 253 -8.64 27.40 26.08
C MET B 253 -8.99 27.37 27.55
N GLU B 254 -9.79 26.37 27.91
CA GLU B 254 -10.20 26.18 29.29
C GLU B 254 -9.51 24.95 29.89
N LYS B 255 -8.57 24.39 29.15
CA LYS B 255 -7.78 23.27 29.63
C LYS B 255 -8.72 22.22 30.26
N ARG B 256 -9.64 21.72 29.44
CA ARG B 256 -10.70 20.79 29.87
C ARG B 256 -11.09 19.79 28.77
N PRO B 257 -11.68 18.65 29.15
CA PRO B 257 -12.11 17.69 28.12
C PRO B 257 -13.18 18.28 27.22
N PRO B 258 -13.07 18.08 25.90
CA PRO B 258 -14.21 18.54 25.09
C PRO B 258 -15.43 17.64 25.24
N LYS B 259 -16.62 18.20 25.01
CA LYS B 259 -17.84 17.43 25.01
C LYS B 259 -18.58 17.68 23.69
N PHE B 260 -18.26 16.86 22.70
CA PHE B 260 -18.73 17.05 21.34
C PHE B 260 -20.15 16.56 21.18
N GLN B 261 -20.97 17.32 20.43
CA GLN B 261 -22.37 16.99 20.20
C GLN B 261 -22.58 16.16 18.93
N GLY B 262 -21.57 16.14 18.07
CA GLY B 262 -21.73 15.54 16.75
C GLY B 262 -22.42 16.49 15.79
N ALA B 263 -22.27 17.78 16.05
CA ALA B 263 -22.98 18.84 15.32
C ALA B 263 -22.26 20.18 15.49
N HIS C 20 17.75 -23.58 -26.02
CA HIS C 20 19.19 -23.34 -26.04
C HIS C 20 19.67 -22.43 -24.89
N MET C 21 18.81 -21.50 -24.45
CA MET C 21 19.20 -20.48 -23.50
C MET C 21 18.49 -20.51 -22.13
N ILE C 22 17.52 -21.40 -21.97
CA ILE C 22 16.91 -21.59 -20.68
C ILE C 22 16.82 -23.08 -20.43
N GLY C 23 16.86 -23.47 -19.17
CA GLY C 23 16.68 -24.86 -18.78
C GLY C 23 15.27 -25.09 -18.27
N ILE C 24 14.65 -26.20 -18.71
CA ILE C 24 13.28 -26.48 -18.32
C ILE C 24 13.17 -27.89 -17.79
N THR C 25 12.83 -28.02 -16.51
CA THR C 25 12.62 -29.33 -15.88
C THR C 25 11.26 -29.36 -15.21
N GLN C 26 10.75 -30.55 -14.95
CA GLN C 26 9.49 -30.71 -14.24
C GLN C 26 9.67 -31.78 -13.17
N ALA C 27 9.28 -31.48 -11.94
CA ALA C 27 9.36 -32.44 -10.86
C ALA C 27 8.06 -32.38 -10.09
N GLU C 28 7.43 -33.53 -9.90
CA GLU C 28 6.09 -33.53 -9.34
C GLU C 28 5.26 -32.74 -10.36
N ALA C 29 4.55 -31.70 -9.90
CA ALA C 29 3.72 -30.92 -10.81
C ALA C 29 4.25 -29.50 -10.92
N VAL C 30 5.56 -29.36 -10.76
CA VAL C 30 6.16 -28.05 -10.78
C VAL C 30 7.14 -27.89 -11.94
N LEU C 31 6.88 -26.89 -12.76
CA LEU C 31 7.77 -26.54 -13.84
C LEU C 31 8.81 -25.50 -13.36
N THR C 32 10.08 -25.86 -13.44
CA THR C 32 11.15 -24.93 -13.12
C THR C 32 11.76 -24.47 -14.42
N ILE C 33 11.73 -23.17 -14.66
CA ILE C 33 12.36 -22.59 -15.84
C ILE C 33 13.57 -21.79 -15.41
N GLU C 34 14.75 -22.17 -15.88
CA GLU C 34 15.97 -21.52 -15.41
C GLU C 34 16.60 -20.66 -16.49
N LEU C 35 16.81 -19.39 -16.19
CA LEU C 35 17.54 -18.50 -17.10
C LEU C 35 18.97 -18.98 -17.09
N GLN C 36 19.50 -19.32 -18.27
CA GLN C 36 20.79 -19.99 -18.32
C GLN C 36 21.89 -19.20 -19.04
N ARG C 37 21.91 -17.90 -18.81
CA ARG C 37 22.91 -17.03 -19.41
C ARG C 37 23.73 -16.33 -18.33
N PRO C 38 24.31 -17.12 -17.41
CA PRO C 38 24.96 -16.56 -16.22
C PRO C 38 26.20 -15.74 -16.58
N GLU C 39 26.80 -16.04 -17.72
CA GLU C 39 27.97 -15.31 -18.15
C GLU C 39 27.67 -13.83 -18.29
N ARG C 40 26.40 -13.53 -18.53
CA ARG C 40 25.98 -12.15 -18.65
C ARG C 40 25.02 -11.81 -17.50
N ARG C 41 25.11 -12.58 -16.42
CA ARG C 41 24.24 -12.38 -15.27
C ARG C 41 22.78 -12.50 -15.67
N ASN C 42 22.52 -13.31 -16.69
CA ASN C 42 21.16 -13.61 -17.12
C ASN C 42 20.41 -12.40 -17.65
N ALA C 43 21.15 -11.39 -18.11
CA ALA C 43 20.49 -10.24 -18.72
C ALA C 43 19.60 -10.71 -19.87
N LEU C 44 18.51 -9.99 -20.12
CA LEU C 44 17.52 -10.46 -21.09
C LEU C 44 17.82 -10.03 -22.52
N ASN C 45 18.26 -10.98 -23.35
CA ASN C 45 18.45 -10.70 -24.76
C ASN C 45 17.28 -11.14 -25.62
N SER C 46 17.09 -10.48 -26.77
CA SER C 46 15.96 -10.74 -27.65
C SER C 46 15.51 -12.20 -27.70
N GLN C 47 16.46 -13.12 -27.80
CA GLN C 47 16.14 -14.55 -27.93
C GLN C 47 15.70 -15.20 -26.62
N LEU C 48 16.42 -14.92 -25.54
CA LEU C 48 16.07 -15.41 -24.23
C LEU C 48 14.67 -14.98 -23.92
N VAL C 49 14.34 -13.76 -24.29
CA VAL C 49 13.00 -13.25 -24.06
C VAL C 49 11.97 -14.13 -24.76
N GLU C 50 12.21 -14.45 -26.02
CA GLU C 50 11.28 -15.26 -26.78
C GLU C 50 11.15 -16.66 -26.22
N GLU C 51 12.29 -17.25 -25.84
CA GLU C 51 12.29 -18.60 -25.30
C GLU C 51 11.52 -18.64 -24.01
N LEU C 52 11.67 -17.58 -23.23
CA LEU C 52 10.95 -17.46 -21.98
C LEU C 52 9.45 -17.38 -22.21
N THR C 53 9.09 -16.52 -23.16
CA THR C 53 7.71 -16.31 -23.51
C THR C 53 7.13 -17.63 -23.93
N GLN C 54 7.82 -18.32 -24.83
CA GLN C 54 7.33 -19.62 -25.29
C GLN C 54 7.21 -20.63 -24.15
N ALA C 55 8.21 -20.68 -23.28
CA ALA C 55 8.18 -21.65 -22.19
C ALA C 55 6.95 -21.44 -21.29
N ILE C 56 6.66 -20.17 -20.98
CA ILE C 56 5.46 -19.83 -20.19
C ILE C 56 4.20 -20.22 -20.94
N ARG C 57 4.05 -19.82 -22.19
CA ARG C 57 2.85 -20.19 -22.90
C ARG C 57 2.71 -21.71 -22.90
N LYS C 58 3.77 -22.41 -23.28
CA LYS C 58 3.69 -23.85 -23.48
C LYS C 58 3.58 -24.61 -22.15
N ALA C 59 3.79 -23.92 -21.04
CA ALA C 59 3.56 -24.55 -19.74
C ALA C 59 2.11 -25.03 -19.63
N GLY C 60 1.88 -25.99 -18.74
CA GLY C 60 0.56 -26.60 -18.63
C GLY C 60 0.13 -27.39 -19.88
N ASP C 61 1.07 -28.13 -20.45
CA ASP C 61 0.83 -28.75 -21.74
C ASP C 61 0.89 -30.28 -21.82
N GLY C 62 1.36 -30.95 -20.78
CA GLY C 62 1.77 -30.30 -19.56
C GLY C 62 0.86 -30.71 -18.43
N SER C 63 1.39 -31.52 -17.53
CA SER C 63 0.71 -31.84 -16.29
C SER C 63 1.05 -30.84 -15.16
N ALA C 64 1.70 -29.74 -15.48
CA ALA C 64 2.16 -28.83 -14.41
C ALA C 64 1.08 -27.87 -13.92
N ARG C 65 1.08 -27.59 -12.62
CA ARG C 65 0.07 -26.74 -11.99
C ARG C 65 0.67 -25.49 -11.40
N ALA C 66 1.99 -25.40 -11.43
CA ALA C 66 2.75 -24.26 -10.88
C ALA C 66 4.08 -24.15 -11.59
N ILE C 67 4.56 -22.92 -11.79
CA ILE C 67 5.88 -22.68 -12.36
C ILE C 67 6.82 -22.01 -11.35
N VAL C 68 8.06 -22.47 -11.29
CA VAL C 68 9.10 -21.73 -10.60
C VAL C 68 10.03 -21.13 -11.64
N LEU C 69 10.29 -19.83 -11.50
CA LEU C 69 11.17 -19.13 -12.43
C LEU C 69 12.45 -18.62 -11.74
N THR C 70 13.58 -19.16 -12.14
CA THR C 70 14.84 -18.84 -11.48
C THR C 70 15.99 -18.55 -12.45
N GLY C 71 17.11 -18.08 -11.90
CA GLY C 71 18.31 -17.79 -12.66
C GLY C 71 19.50 -18.66 -12.27
N GLN C 72 20.37 -18.90 -13.25
CA GLN C 72 21.57 -19.72 -13.08
C GLN C 72 22.73 -18.86 -12.59
N GLY C 73 23.45 -19.33 -11.57
CA GLY C 73 24.57 -18.60 -11.04
C GLY C 73 24.17 -17.55 -10.02
N THR C 74 24.82 -16.40 -10.06
CA THR C 74 24.79 -15.46 -8.95
C THR C 74 23.69 -14.42 -9.04
N ALA C 75 23.21 -14.17 -10.26
CA ALA C 75 22.20 -13.15 -10.48
C ALA C 75 20.85 -13.75 -10.87
N PHE C 76 19.77 -13.11 -10.46
CA PHE C 76 18.50 -13.51 -11.01
C PHE C 76 18.43 -13.03 -12.45
N CYS C 77 18.57 -11.71 -12.63
CA CYS C 77 18.53 -11.11 -13.94
C CYS C 77 19.03 -9.67 -13.83
N ALA C 78 20.16 -9.37 -14.46
CA ALA C 78 20.79 -8.07 -14.26
C ALA C 78 20.23 -6.95 -15.13
N GLY C 79 19.18 -7.24 -15.89
CA GLY C 79 18.57 -6.22 -16.74
C GLY C 79 18.39 -6.68 -18.18
N ALA C 80 18.15 -5.73 -19.07
CA ALA C 80 17.99 -6.02 -20.51
C ALA C 80 19.35 -6.11 -21.22
N ASP C 81 19.47 -6.98 -22.23
CA ASP C 81 20.75 -7.05 -22.94
C ASP C 81 20.92 -6.08 -24.13
N LEU C 82 20.45 -6.46 -25.31
CA LEU C 82 20.56 -5.57 -26.48
C LEU C 82 21.96 -5.44 -27.05
N SER C 83 22.99 -5.82 -26.32
CA SER C 83 24.31 -5.69 -26.89
C SER C 83 24.39 -6.71 -28.04
N GLY C 84 24.80 -6.24 -29.21
CA GLY C 84 24.89 -7.07 -30.40
C GLY C 84 23.57 -7.30 -31.10
N ASP C 85 22.51 -6.69 -30.59
CA ASP C 85 21.18 -6.90 -31.16
C ASP C 85 21.01 -6.08 -32.43
N ALA C 86 20.89 -6.75 -33.56
CA ALA C 86 20.70 -6.06 -34.82
C ALA C 86 19.26 -5.59 -34.99
N PHE C 87 18.38 -6.00 -34.08
CA PHE C 87 16.97 -5.64 -34.21
C PHE C 87 16.41 -5.03 -32.94
N ALA C 88 17.20 -4.12 -32.37
CA ALA C 88 16.88 -3.50 -31.11
C ALA C 88 15.42 -3.05 -31.05
N ALA C 89 14.99 -2.30 -32.08
CA ALA C 89 13.67 -1.66 -32.09
C ALA C 89 12.51 -2.61 -31.76
N ASP C 90 12.71 -3.89 -32.08
CA ASP C 90 11.70 -4.92 -31.82
C ASP C 90 11.76 -5.46 -30.38
N TYR C 91 12.77 -5.07 -29.63
CA TYR C 91 13.00 -5.65 -28.31
C TYR C 91 11.87 -5.37 -27.33
N PRO C 92 11.42 -4.11 -27.24
CA PRO C 92 10.34 -3.78 -26.31
C PRO C 92 9.09 -4.61 -26.55
N ASP C 93 8.75 -4.83 -27.81
CA ASP C 93 7.56 -5.61 -28.09
C ASP C 93 7.67 -7.07 -27.62
N ARG C 94 8.89 -7.61 -27.66
CA ARG C 94 9.10 -8.96 -27.11
C ARG C 94 9.03 -8.97 -25.59
N LEU C 95 9.59 -7.95 -24.95
CA LEU C 95 9.57 -7.87 -23.49
C LEU C 95 8.12 -7.73 -23.03
N ILE C 96 7.36 -6.94 -23.78
CA ILE C 96 5.95 -6.79 -23.50
C ILE C 96 5.23 -8.12 -23.63
N GLU C 97 5.43 -8.81 -24.76
CA GLU C 97 4.85 -10.13 -25.01
C GLU C 97 5.04 -11.11 -23.87
N LEU C 98 6.26 -11.11 -23.33
CA LEU C 98 6.62 -11.97 -22.21
C LEU C 98 5.75 -11.64 -21.00
N HIS C 99 5.59 -10.37 -20.71
CA HIS C 99 4.75 -9.98 -19.59
C HIS C 99 3.29 -10.34 -19.80
N LYS C 100 2.82 -10.23 -21.04
CA LYS C 100 1.44 -10.59 -21.32
C LYS C 100 1.26 -12.08 -21.04
N ALA C 101 2.23 -12.88 -21.47
CA ALA C 101 2.20 -14.32 -21.33
C ALA C 101 2.13 -14.72 -19.86
N MET C 102 2.92 -14.04 -19.05
CA MET C 102 2.93 -14.30 -17.62
C MET C 102 1.61 -13.87 -16.98
N ASP C 103 1.19 -12.65 -17.28
CA ASP C 103 -0.08 -12.13 -16.79
C ASP C 103 -1.24 -13.02 -17.21
N ALA C 104 -1.17 -13.58 -18.41
CA ALA C 104 -2.28 -14.37 -18.94
C ALA C 104 -2.26 -15.84 -18.44
N SER C 105 -1.11 -16.28 -17.94
CA SER C 105 -0.97 -17.67 -17.50
C SER C 105 -1.88 -18.02 -16.31
N PRO C 106 -2.67 -19.08 -16.48
CA PRO C 106 -3.51 -19.54 -15.38
C PRO C 106 -2.64 -20.17 -14.30
N MET C 107 -1.32 -20.21 -14.50
CA MET C 107 -0.45 -20.91 -13.58
C MET C 107 0.27 -19.92 -12.71
N PRO C 108 0.33 -20.22 -11.41
CA PRO C 108 1.08 -19.36 -10.49
C PRO C 108 2.57 -19.46 -10.76
N VAL C 109 3.23 -18.32 -10.92
CA VAL C 109 4.67 -18.33 -11.11
C VAL C 109 5.32 -17.91 -9.80
N VAL C 110 6.14 -18.80 -9.22
CA VAL C 110 6.88 -18.47 -8.03
C VAL C 110 8.29 -18.15 -8.50
N GLY C 111 8.69 -16.89 -8.33
CA GLY C 111 10.01 -16.50 -8.73
C GLY C 111 11.02 -16.90 -7.67
N ALA C 112 11.99 -17.73 -8.03
CA ALA C 112 13.07 -18.06 -7.10
C ALA C 112 14.22 -17.09 -7.36
N ILE C 113 14.11 -15.89 -6.78
CA ILE C 113 15.06 -14.80 -7.01
C ILE C 113 16.42 -15.08 -6.37
N ASN C 114 17.28 -15.80 -7.07
CA ASN C 114 18.51 -16.33 -6.50
C ASN C 114 19.63 -15.29 -6.35
N GLY C 115 19.31 -14.05 -6.69
CA GLY C 115 20.29 -12.98 -6.67
C GLY C 115 19.68 -11.71 -7.24
N PRO C 116 20.53 -10.71 -7.49
CA PRO C 116 20.10 -9.37 -7.93
C PRO C 116 19.10 -9.41 -9.08
N ALA C 117 18.05 -8.59 -8.94
CA ALA C 117 17.06 -8.39 -9.99
C ALA C 117 17.07 -6.89 -10.27
N ILE C 118 17.60 -6.53 -11.43
CA ILE C 118 17.85 -5.15 -11.78
C ILE C 118 17.15 -4.77 -13.08
N GLY C 119 16.47 -3.62 -13.09
CA GLY C 119 15.81 -3.15 -14.30
C GLY C 119 14.78 -4.14 -14.84
N ALA C 120 14.91 -4.49 -16.11
CA ALA C 120 14.06 -5.52 -16.68
C ALA C 120 14.02 -6.72 -15.73
N GLY C 121 15.15 -7.03 -15.12
CA GLY C 121 15.22 -8.13 -14.18
C GLY C 121 14.22 -7.91 -13.06
N LEU C 122 14.15 -6.68 -12.56
CA LEU C 122 13.19 -6.37 -11.51
C LEU C 122 11.76 -6.44 -12.03
N GLN C 123 11.54 -6.05 -13.28
CA GLN C 123 10.21 -6.15 -13.86
C GLN C 123 9.76 -7.60 -13.92
N LEU C 124 10.65 -8.43 -14.42
CA LEU C 124 10.38 -9.85 -14.53
C LEU C 124 10.11 -10.46 -13.15
N ALA C 125 10.90 -10.09 -12.16
CA ALA C 125 10.64 -10.58 -10.79
C ALA C 125 9.27 -10.13 -10.25
N MET C 126 8.86 -8.92 -10.63
CA MET C 126 7.59 -8.40 -10.14
C MET C 126 6.39 -8.98 -10.87
N GLN C 127 6.61 -9.58 -12.04
CA GLN C 127 5.50 -10.18 -12.77
C GLN C 127 5.27 -11.62 -12.35
N CYS C 128 6.19 -12.15 -11.55
CA CYS C 128 5.90 -13.41 -10.89
C CYS C 128 4.72 -13.22 -9.94
N ASP C 129 4.10 -14.33 -9.56
CA ASP C 129 2.95 -14.24 -8.69
C ASP C 129 3.35 -14.20 -7.21
N LEU C 130 4.40 -14.94 -6.86
CA LEU C 130 4.99 -14.89 -5.52
C LEU C 130 6.50 -14.90 -5.67
N ARG C 131 7.22 -14.37 -4.69
CA ARG C 131 8.68 -14.36 -4.78
C ARG C 131 9.36 -14.91 -3.56
N VAL C 132 10.23 -15.90 -3.78
CA VAL C 132 11.07 -16.46 -2.74
C VAL C 132 12.48 -15.99 -3.02
N VAL C 133 13.07 -15.25 -2.07
CA VAL C 133 14.26 -14.49 -2.38
C VAL C 133 15.47 -14.97 -1.58
N ALA C 134 16.61 -15.02 -2.26
CA ALA C 134 17.89 -15.41 -1.65
C ALA C 134 18.45 -14.29 -0.77
N PRO C 135 19.12 -14.64 0.33
CA PRO C 135 19.53 -13.64 1.33
C PRO C 135 20.52 -12.61 0.78
N ASP C 136 21.24 -12.94 -0.29
CA ASP C 136 22.22 -12.04 -0.89
C ASP C 136 21.62 -11.18 -2.00
N ALA C 137 20.38 -11.47 -2.38
CA ALA C 137 19.75 -10.78 -3.49
C ALA C 137 19.34 -9.35 -3.15
N PHE C 138 19.07 -8.55 -4.19
CA PHE C 138 18.51 -7.22 -4.04
C PHE C 138 17.84 -6.77 -5.34
N PHE C 139 16.97 -5.77 -5.24
CA PHE C 139 16.16 -5.31 -6.36
C PHE C 139 16.46 -3.86 -6.61
N GLN C 140 16.53 -3.46 -7.88
CA GLN C 140 16.87 -2.09 -8.19
C GLN C 140 16.35 -1.63 -9.55
N PHE C 141 15.84 -0.40 -9.58
CA PHE C 141 15.66 0.33 -10.83
C PHE C 141 16.74 1.44 -10.89
N PRO C 142 17.86 1.17 -11.57
CA PRO C 142 18.89 2.23 -11.66
C PRO C 142 18.58 3.16 -12.82
N THR C 143 17.32 3.25 -13.21
CA THR C 143 16.91 4.09 -14.34
C THR C 143 17.35 5.54 -14.22
N SER C 144 17.31 6.11 -13.02
CA SER C 144 17.70 7.51 -12.85
C SER C 144 19.21 7.67 -13.03
N LYS C 145 19.94 6.55 -13.04
CA LYS C 145 21.38 6.58 -13.33
C LYS C 145 21.67 6.49 -14.82
N TYR C 146 20.64 6.19 -15.61
CA TYR C 146 20.83 5.97 -17.03
C TYR C 146 20.03 6.91 -17.92
N GLY C 147 19.31 7.84 -17.28
CA GLY C 147 18.53 8.82 -18.01
C GLY C 147 17.26 8.27 -18.61
N LEU C 148 16.92 7.04 -18.22
CA LEU C 148 15.75 6.34 -18.75
C LEU C 148 14.46 6.63 -17.99
N ALA C 149 13.35 6.10 -18.52
CA ALA C 149 12.06 6.16 -17.82
C ALA C 149 11.30 4.82 -17.95
N LEU C 150 10.49 4.50 -16.94
CA LEU C 150 9.73 3.26 -16.92
C LEU C 150 8.29 3.46 -17.34
N ASP C 151 7.69 2.37 -17.81
CA ASP C 151 6.25 2.27 -18.07
C ASP C 151 5.50 2.33 -16.73
N ASN C 152 4.25 2.77 -16.76
CA ASN C 152 3.47 2.92 -15.55
C ASN C 152 3.37 1.64 -14.71
N TRP C 153 3.09 0.50 -15.34
CA TRP C 153 2.95 -0.72 -14.55
C TRP C 153 4.15 -0.95 -13.66
N SER C 154 5.36 -0.82 -14.20
CA SER C 154 6.53 -1.08 -13.37
C SER C 154 6.47 -0.21 -12.13
N ILE C 155 6.00 1.01 -12.31
CA ILE C 155 5.96 1.93 -11.20
C ILE C 155 4.87 1.57 -10.17
N ARG C 156 3.65 1.33 -10.65
CA ARG C 156 2.53 0.96 -9.79
C ARG C 156 2.79 -0.33 -9.02
N ARG C 157 3.22 -1.38 -9.73
CA ARG C 157 3.38 -2.69 -9.13
C ARG C 157 4.49 -2.61 -8.09
N LEU C 158 5.59 -1.95 -8.45
CA LEU C 158 6.65 -1.67 -7.47
C LEU C 158 6.12 -0.98 -6.21
N SER C 159 5.34 0.08 -6.38
CA SER C 159 4.79 0.79 -5.23
C SER C 159 3.93 -0.11 -4.38
N SER C 160 3.21 -1.03 -5.03
CA SER C 160 2.34 -1.93 -4.31
C SER C 160 3.14 -2.98 -3.54
N LEU C 161 4.38 -3.19 -3.97
CA LEU C 161 5.20 -4.27 -3.41
C LEU C 161 6.14 -3.81 -2.33
N VAL C 162 6.61 -2.56 -2.44
CA VAL C 162 7.56 -2.05 -1.45
C VAL C 162 6.98 -0.87 -0.70
N GLY C 163 5.79 -0.41 -1.10
CA GLY C 163 5.20 0.76 -0.49
C GLY C 163 5.59 2.03 -1.24
N HIS C 164 4.69 3.01 -1.28
CA HIS C 164 4.92 4.20 -2.05
C HIS C 164 6.20 4.92 -1.63
N GLY C 165 6.42 5.04 -0.32
CA GLY C 165 7.61 5.72 0.20
C GLY C 165 8.93 5.17 -0.32
N ARG C 166 9.11 3.86 -0.20
CA ARG C 166 10.32 3.23 -0.70
C ARG C 166 10.34 3.19 -2.23
N ALA C 167 9.16 3.27 -2.85
CA ALA C 167 9.13 3.32 -4.30
C ALA C 167 9.71 4.65 -4.75
N ARG C 168 9.45 5.72 -4.01
CA ARG C 168 10.00 7.03 -4.38
C ARG C 168 11.54 7.01 -4.30
N ALA C 169 12.07 6.45 -3.21
CA ALA C 169 13.52 6.36 -3.03
C ALA C 169 14.19 5.61 -4.18
N MET C 170 13.63 4.45 -4.50
CA MET C 170 14.15 3.55 -5.53
C MET C 170 14.11 4.19 -6.90
N LEU C 171 12.99 4.85 -7.20
CA LEU C 171 12.81 5.48 -8.50
C LEU C 171 13.53 6.81 -8.63
N LEU C 172 13.51 7.62 -7.57
CA LEU C 172 14.12 8.95 -7.62
C LEU C 172 15.61 8.97 -7.27
N SER C 173 16.14 7.86 -6.77
CA SER C 173 17.53 7.87 -6.36
C SER C 173 18.22 6.55 -6.61
N ALA C 174 17.53 5.64 -7.28
CA ALA C 174 18.18 4.39 -7.67
C ALA C 174 18.53 3.51 -6.48
N GLU C 175 17.79 3.68 -5.39
CA GLU C 175 18.06 2.97 -4.16
C GLU C 175 17.87 1.44 -4.27
N LYS C 176 18.79 0.70 -3.67
CA LYS C 176 18.74 -0.75 -3.68
C LYS C 176 17.79 -1.30 -2.61
N LEU C 177 16.88 -2.18 -3.00
CA LEU C 177 16.04 -2.87 -2.03
C LEU C 177 16.72 -4.17 -1.65
N THR C 178 17.16 -4.28 -0.40
CA THR C 178 17.83 -5.50 0.05
C THR C 178 16.82 -6.62 0.27
N ALA C 179 17.31 -7.86 0.25
CA ALA C 179 16.45 -9.00 0.58
C ALA C 179 15.74 -8.76 1.89
N GLU C 180 16.51 -8.39 2.91
CA GLU C 180 16.01 -8.12 4.25
C GLU C 180 14.72 -7.27 4.22
N ILE C 181 14.78 -6.17 3.48
CA ILE C 181 13.68 -5.21 3.43
C ILE C 181 12.59 -5.59 2.41
N ALA C 182 12.97 -6.35 1.38
CA ALA C 182 11.96 -6.95 0.52
C ALA C 182 11.04 -7.82 1.37
N LEU C 183 11.62 -8.64 2.24
CA LEU C 183 10.83 -9.45 3.15
C LEU C 183 9.94 -8.57 4.06
N HIS C 184 10.51 -7.48 4.53
CA HIS C 184 9.81 -6.57 5.41
C HIS C 184 8.56 -6.01 4.70
N THR C 185 8.73 -5.51 3.48
CA THR C 185 7.61 -4.88 2.74
C THR C 185 6.65 -5.84 2.01
N GLY C 186 7.08 -7.07 1.73
CA GLY C 186 6.22 -7.97 0.99
C GLY C 186 6.70 -8.28 -0.43
N MET C 187 7.59 -7.44 -0.98
CA MET C 187 8.30 -7.80 -2.21
C MET C 187 8.81 -9.25 -2.17
N ALA C 188 9.38 -9.68 -1.06
CA ALA C 188 9.71 -11.09 -0.91
C ALA C 188 8.70 -11.71 0.02
N ASN C 189 8.10 -12.83 -0.43
CA ASN C 189 7.21 -13.58 0.44
C ASN C 189 8.01 -14.43 1.41
N ARG C 190 9.15 -14.89 0.96
CA ARG C 190 10.05 -15.64 1.81
C ARG C 190 11.50 -15.37 1.44
N ILE C 191 12.39 -15.52 2.42
CA ILE C 191 13.80 -15.61 2.09
C ILE C 191 14.10 -17.10 2.04
N GLY C 192 14.53 -17.57 0.87
CA GLY C 192 14.79 -18.98 0.70
C GLY C 192 15.59 -19.32 -0.54
N THR C 193 15.94 -20.60 -0.62
CA THR C 193 16.68 -21.12 -1.75
C THR C 193 15.72 -21.57 -2.84
N LEU C 194 16.26 -21.86 -4.02
CA LEU C 194 15.45 -22.41 -5.10
C LEU C 194 14.67 -23.62 -4.60
N ALA C 195 15.35 -24.51 -3.89
CA ALA C 195 14.69 -25.71 -3.37
C ALA C 195 13.48 -25.34 -2.48
N ASP C 196 13.64 -24.29 -1.66
CA ASP C 196 12.52 -23.80 -0.84
C ASP C 196 11.36 -23.37 -1.75
N ALA C 197 11.70 -22.57 -2.75
CA ALA C 197 10.72 -22.09 -3.70
C ALA C 197 10.02 -23.27 -4.34
N GLN C 198 10.77 -24.34 -4.60
CA GLN C 198 10.17 -25.50 -5.26
C GLN C 198 9.25 -26.30 -4.33
N ALA C 199 9.62 -26.40 -3.06
CA ALA C 199 8.77 -27.06 -2.08
C ALA C 199 7.45 -26.30 -1.98
N TRP C 200 7.53 -24.97 -1.85
CA TRP C 200 6.32 -24.15 -1.78
C TRP C 200 5.50 -24.33 -3.04
N ALA C 201 6.13 -24.29 -4.21
CA ALA C 201 5.40 -24.44 -5.46
C ALA C 201 4.65 -25.78 -5.49
N ALA C 202 5.34 -26.85 -5.12
CA ALA C 202 4.73 -28.17 -5.06
C ALA C 202 3.43 -28.14 -4.24
N GLU C 203 3.43 -27.41 -3.13
CA GLU C 203 2.23 -27.28 -2.30
C GLU C 203 1.12 -26.57 -3.02
N ILE C 204 1.49 -25.42 -3.58
CA ILE C 204 0.55 -24.59 -4.30
C ILE C 204 -0.05 -25.40 -5.47
N ALA C 205 0.74 -26.32 -6.01
CA ALA C 205 0.31 -27.19 -7.11
C ALA C 205 -0.77 -28.17 -6.69
N ARG C 206 -0.94 -28.34 -5.38
CA ARG C 206 -1.96 -29.25 -4.88
C ARG C 206 -3.19 -28.49 -4.41
N LEU C 207 -3.26 -27.20 -4.74
CA LEU C 207 -4.44 -26.39 -4.43
C LEU C 207 -5.33 -26.26 -5.67
N ALA C 208 -6.54 -25.78 -5.45
CA ALA C 208 -7.54 -25.72 -6.52
C ALA C 208 -7.15 -24.65 -7.54
N PRO C 209 -6.85 -25.09 -8.77
CA PRO C 209 -6.38 -24.14 -9.79
C PRO C 209 -7.35 -23.00 -10.04
N LEU C 210 -8.64 -23.29 -10.20
CA LEU C 210 -9.63 -22.26 -10.49
C LEU C 210 -9.63 -21.14 -9.42
N ALA C 211 -9.41 -21.51 -8.17
CA ALA C 211 -9.32 -20.51 -7.11
C ALA C 211 -8.14 -19.59 -7.40
N ILE C 212 -6.98 -20.19 -7.63
CA ILE C 212 -5.77 -19.44 -7.97
C ILE C 212 -5.94 -18.57 -9.23
N GLN C 213 -6.52 -19.13 -10.29
CA GLN C 213 -6.70 -18.38 -11.51
C GLN C 213 -7.52 -17.11 -11.30
N HIS C 214 -8.56 -17.24 -10.48
CA HIS C 214 -9.42 -16.09 -10.18
C HIS C 214 -8.67 -15.03 -9.40
N ALA C 215 -8.03 -15.44 -8.30
CA ALA C 215 -7.31 -14.49 -7.45
C ALA C 215 -6.20 -13.82 -8.24
N LYS C 216 -5.51 -14.58 -9.08
CA LYS C 216 -4.44 -14.04 -9.92
C LYS C 216 -4.93 -12.94 -10.88
N ARG C 217 -6.02 -13.21 -11.60
CA ARG C 217 -6.60 -12.20 -12.46
C ARG C 217 -6.96 -10.94 -11.66
N VAL C 218 -7.75 -11.09 -10.61
CA VAL C 218 -8.19 -9.93 -9.84
C VAL C 218 -7.01 -9.16 -9.27
N LEU C 219 -6.06 -9.88 -8.70
CA LEU C 219 -4.86 -9.25 -8.16
C LEU C 219 -4.13 -8.46 -9.24
N ASN C 220 -3.99 -9.06 -10.42
CA ASN C 220 -3.26 -8.36 -11.47
C ASN C 220 -4.06 -7.20 -12.02
N ASP C 221 -5.33 -7.14 -11.68
CA ASP C 221 -6.21 -6.09 -12.18
C ASP C 221 -6.47 -5.02 -11.13
N ASP C 222 -5.54 -4.90 -10.20
CA ASP C 222 -5.61 -3.90 -9.15
C ASP C 222 -5.41 -2.46 -9.66
N GLY C 223 -5.05 -2.30 -10.94
CA GLY C 223 -4.83 -0.99 -11.52
C GLY C 223 -3.41 -0.67 -11.97
N ALA C 224 -2.43 -1.43 -11.47
CA ALA C 224 -1.05 -1.26 -11.90
C ALA C 224 -0.91 -1.31 -13.43
N ILE C 225 -1.66 -2.21 -14.07
CA ILE C 225 -1.72 -2.22 -15.52
C ILE C 225 -2.41 -0.96 -16.00
N GLU C 226 -1.64 0.12 -16.09
CA GLU C 226 -2.17 1.44 -16.40
C GLU C 226 -1.64 2.07 -17.70
N GLU C 227 -2.57 2.54 -18.55
CA GLU C 227 -2.16 3.33 -19.70
C GLU C 227 -1.59 4.67 -19.26
N ALA C 228 -0.34 4.91 -19.62
CA ALA C 228 0.33 6.14 -19.26
C ALA C 228 -0.46 7.37 -19.72
N TRP C 229 -0.56 8.38 -18.84
CA TRP C 229 -1.20 9.64 -19.22
C TRP C 229 -0.37 10.46 -20.23
N PRO C 230 -1.03 11.40 -20.93
CA PRO C 230 -0.36 12.28 -21.89
C PRO C 230 0.95 12.85 -21.35
N ALA C 231 0.96 13.30 -20.11
CA ALA C 231 2.17 13.87 -19.52
C ALA C 231 3.20 12.79 -19.26
N HIS C 232 2.74 11.57 -18.99
CA HIS C 232 3.67 10.47 -18.73
C HIS C 232 4.41 10.09 -20.02
N LYS C 233 3.67 9.95 -21.12
CA LYS C 233 4.30 9.68 -22.41
C LYS C 233 5.28 10.78 -22.77
N GLU C 234 4.84 12.03 -22.63
CA GLU C 234 5.67 13.18 -22.97
C GLU C 234 7.02 13.16 -22.27
N LEU C 235 6.99 12.89 -20.97
CA LEU C 235 8.21 12.86 -20.18
C LEU C 235 9.00 11.59 -20.49
N PHE C 236 8.28 10.48 -20.63
CA PHE C 236 8.90 9.23 -21.01
C PHE C 236 9.71 9.40 -22.28
N ASP C 237 9.09 9.95 -23.33
CA ASP C 237 9.78 10.17 -24.59
C ASP C 237 10.93 11.13 -24.38
N LYS C 238 10.68 12.19 -23.61
CA LYS C 238 11.69 13.22 -23.44
C LYS C 238 12.96 12.61 -22.85
N ALA C 239 12.81 11.84 -21.77
CA ALA C 239 13.96 11.17 -21.18
C ALA C 239 14.65 10.24 -22.17
N TRP C 240 13.90 9.30 -22.72
CA TRP C 240 14.44 8.34 -23.67
C TRP C 240 15.22 8.96 -24.84
N GLY C 241 14.71 10.04 -25.40
CA GLY C 241 15.34 10.65 -26.56
C GLY C 241 16.46 11.62 -26.22
N SER C 242 16.74 11.74 -24.93
CA SER C 242 17.67 12.75 -24.44
C SER C 242 19.12 12.40 -24.76
N GLN C 243 19.97 13.43 -24.72
CA GLN C 243 21.40 13.26 -24.91
C GLN C 243 22.02 12.58 -23.69
N ASP C 244 21.42 12.83 -22.53
CA ASP C 244 21.88 12.25 -21.26
C ASP C 244 21.90 10.72 -21.33
N VAL C 245 21.00 10.18 -22.15
CA VAL C 245 20.92 8.74 -22.31
C VAL C 245 22.21 8.22 -22.94
N ILE C 246 22.72 8.97 -23.92
CA ILE C 246 23.98 8.60 -24.55
C ILE C 246 25.13 8.81 -23.59
N GLU C 247 25.09 9.92 -22.85
CA GLU C 247 26.15 10.23 -21.91
C GLU C 247 26.32 9.11 -20.87
N ALA C 248 25.22 8.53 -20.40
CA ALA C 248 25.28 7.44 -19.43
C ALA C 248 26.06 6.26 -20.00
N GLN C 249 25.74 5.87 -21.22
CA GLN C 249 26.48 4.81 -21.89
C GLN C 249 27.95 5.14 -22.07
N VAL C 250 28.25 6.38 -22.46
CA VAL C 250 29.64 6.77 -22.70
C VAL C 250 30.47 6.77 -21.43
N ALA C 251 29.89 7.30 -20.36
CA ALA C 251 30.60 7.41 -19.07
C ALA C 251 30.84 6.03 -18.50
N ARG C 252 29.87 5.16 -18.64
CA ARG C 252 30.02 3.78 -18.23
C ARG C 252 31.26 3.18 -18.88
N MET C 253 31.31 3.23 -20.20
CA MET C 253 32.42 2.65 -20.95
C MET C 253 33.73 3.34 -20.63
N GLU C 254 33.72 4.67 -20.60
CA GLU C 254 34.91 5.42 -20.26
C GLU C 254 35.24 5.30 -18.77
N LYS C 255 34.54 4.38 -18.09
CA LYS C 255 34.76 4.13 -16.68
C LYS C 255 34.91 5.42 -15.89
N ARG C 256 33.84 6.22 -15.87
CA ARG C 256 33.84 7.50 -15.15
C ARG C 256 32.42 7.98 -14.75
N PRO C 257 32.37 8.99 -13.89
CA PRO C 257 31.08 9.59 -13.50
C PRO C 257 30.45 10.30 -14.69
N PRO C 258 29.16 10.04 -14.94
CA PRO C 258 28.43 10.75 -15.99
C PRO C 258 28.36 12.21 -15.62
N LYS C 259 27.97 13.06 -16.58
CA LYS C 259 27.81 14.49 -16.35
C LYS C 259 26.52 14.97 -17.03
N PHE C 260 25.37 14.70 -16.42
CA PHE C 260 24.07 14.99 -17.04
C PHE C 260 23.75 16.47 -17.24
N GLN C 261 22.91 16.75 -18.24
CA GLN C 261 22.60 18.10 -18.68
C GLN C 261 21.11 18.43 -18.50
N GLY C 262 20.30 17.41 -18.26
CA GLY C 262 18.85 17.56 -18.28
C GLY C 262 18.28 17.70 -19.69
N ALA C 263 18.98 17.14 -20.67
CA ALA C 263 18.55 17.25 -22.06
C ALA C 263 19.17 16.16 -22.95
O22 G51 D . -20.27 -7.77 -3.74
C20 G51 D . -20.60 -8.92 -3.49
N21 G51 D . -21.41 -9.64 -4.27
C23 G51 D . -22.06 -9.25 -5.51
C24 G51 D . -21.29 -9.97 -6.61
C29 G51 D . -21.93 -10.37 -7.79
C28 G51 D . -21.23 -11.04 -8.80
C27 G51 D . -19.88 -11.29 -8.58
O40 G51 D . -18.96 -11.91 -9.39
C41 G51 D . -17.66 -11.78 -8.78
O42 G51 D . -17.93 -11.26 -7.46
C26 G51 D . -19.25 -10.90 -7.42
C25 G51 D . -19.93 -10.24 -6.41
C17 G51 D . -20.06 -9.58 -2.28
C18 G51 D . -19.96 -10.94 -1.95
N19 G51 D . -19.38 -11.05 -0.71
N4 G51 D . -19.12 -9.75 -0.24
C3 G51 D . -18.52 -9.56 1.08
C13 G51 D . -19.13 -10.59 1.99
F57 G51 D . -18.91 -11.81 1.56
F56 G51 D . -18.58 -10.43 3.18
F58 G51 D . -20.44 -10.41 2.04
C5 G51 D . -19.53 -8.87 -1.11
N6 G51 D . -19.35 -7.57 -0.89
C1 G51 D . -18.58 -7.17 0.28
C2 G51 D . -18.79 -8.12 1.48
C7 G51 D . -18.91 -5.78 0.64
C12 G51 D . -20.22 -5.30 0.57
C11 G51 D . -20.48 -3.99 0.91
C10 G51 D . -19.45 -3.15 1.34
C32 G51 D . -19.73 -1.72 1.71
C33 G51 D . -20.67 -1.09 0.72
C9 G51 D . -18.15 -3.64 1.41
C8 G51 D . -17.88 -4.95 1.06
H232 G51 D . -23.11 -9.55 -5.51
H231 G51 D . -22.00 -8.17 -5.65
H29 G51 D . -22.99 -10.16 -7.93
H28 G51 D . -21.71 -11.35 -9.72
H412 G51 D . -17.16 -12.75 -8.72
H411 G51 D . -17.04 -11.08 -9.35
H25 G51 D . -19.43 -9.93 -5.50
H18 G51 D . -20.27 -11.77 -2.57
H3 G51 D . -17.43 -9.72 1.03
HN6 G51 D . -19.66 -6.86 -1.55
H1 G51 D . -17.51 -7.22 0.02
H22 G51 D . -19.83 -8.03 1.84
H21 G51 D . -18.13 -7.83 2.30
H12 G51 D . -21.01 -5.96 0.24
H11 G51 D . -21.49 -3.60 0.86
H322 G51 D . -18.79 -1.16 1.73
H321 G51 D . -20.16 -1.67 2.71
H332 G51 D . -20.25 -1.12 -0.24
H331 G51 D . -21.59 -1.63 0.72
H333 G51 D . -20.86 -0.08 0.99
H9 G51 D . -17.35 -2.99 1.74
H8 G51 D . -16.87 -5.33 1.12
O22 G51 E . -7.95 20.50 -2.96
C20 G51 E . -8.23 21.12 -1.93
N21 G51 E . -9.33 21.81 -1.77
C23 G51 E . -10.41 21.98 -2.70
C24 G51 E . -11.58 21.32 -2.01
C29 G51 E . -12.88 21.83 -2.16
C28 G51 E . -13.96 21.21 -1.51
C27 G51 E . -13.69 20.11 -0.72
O40 G51 E . -14.55 19.34 0.00
C41 G51 E . -13.82 18.19 0.49
O42 G51 E . -12.44 18.52 0.25
C26 G51 E . -12.42 19.62 -0.56
C25 G51 E . -11.33 20.21 -1.19
C17 G51 E . -7.32 21.13 -0.76
C18 G51 E . -7.49 21.54 0.57
N19 G51 E . -6.33 21.32 1.26
N4 G51 E . -5.40 20.74 0.36
C3 G51 E . -4.05 20.41 0.81
C13 G51 E . -3.57 21.58 1.63
F57 G51 E . -4.38 21.78 2.66
F56 G51 E . -2.33 21.33 2.05
F58 G51 E . -3.61 22.67 0.87
C5 G51 E . -5.94 20.65 -0.82
N6 G51 E . -5.28 20.08 -1.84
C1 G51 E . -4.01 19.44 -1.54
C2 G51 E . -3.22 20.19 -0.46
C7 G51 E . -3.23 19.32 -2.78
C12 G51 E . -3.24 20.32 -3.75
C11 G51 E . -2.48 20.15 -4.90
C10 G51 E . -1.70 19.02 -5.06
C32 G51 E . -0.87 18.84 -6.31
C33 G51 E . -1.70 19.21 -7.51
C9 G51 E . -1.69 18.04 -4.09
C8 G51 E . -2.45 18.18 -2.95
H232 G51 E . -10.61 23.04 -2.89
H231 G51 E . -10.19 21.48 -3.65
H29 G51 E . -13.05 22.70 -2.78
H28 G51 E . -14.96 21.59 -1.63
H412 G51 E . -14.00 18.06 1.56
H411 G51 E . -14.10 17.29 -0.04
H25 G51 E . -10.33 19.81 -1.08
H18 G51 E . -8.39 21.97 0.98
H3 G51 E . -4.05 19.49 1.42
HN6 G51 E . -5.68 20.01 -2.76
H1 G51 E . -4.22 18.44 -1.16
H22 G51 E . -2.90 21.16 -0.84
H21 G51 E . -2.32 19.62 -0.21
H12 G51 E . -3.83 21.20 -3.61
H11 G51 E . -2.48 20.93 -5.66
H322 G51 E . -0.55 17.80 -6.38
H321 G51 E . 0.01 19.47 -6.26
H332 G51 E . -2.55 18.59 -7.56
H331 G51 E . -2.01 20.22 -7.42
H333 G51 E . -1.12 19.09 -8.38
H9 G51 E . -1.09 17.15 -4.22
H8 G51 E . -2.45 17.42 -2.19
O22 G51 F . 3.46 -0.79 -21.93
C20 G51 F . 4.60 -0.61 -22.36
N21 G51 F . 4.81 0.15 -23.43
C23 G51 F . 3.76 0.83 -24.18
C24 G51 F . 4.04 2.30 -23.94
C29 G51 F . 3.96 3.25 -24.97
C28 G51 F . 4.25 4.59 -24.70
C27 G51 F . 4.61 4.93 -23.40
O40 G51 F . 4.92 6.14 -22.86
C41 G51 F . 5.08 5.98 -21.42
O42 G51 F . 5.04 4.57 -21.22
C26 G51 F . 4.68 3.99 -22.40
C25 G51 F . 4.41 2.66 -22.65
C17 G51 F . 5.78 -1.21 -21.68
C18 G51 F . 7.14 -0.95 -21.77
N19 G51 F . 7.82 -1.78 -20.93
N4 G51 F . 6.86 -2.59 -20.26
C3 G51 F . 7.27 -3.61 -19.29
C13 G51 F . 8.49 -4.34 -19.83
F57 G51 F . 9.45 -3.49 -20.13
F56 G51 F . 8.90 -5.20 -18.90
F58 G51 F . 8.17 -4.98 -20.96
C5 G51 F . 5.66 -2.30 -20.69
N6 G51 F . 4.58 -2.90 -20.17
C1 G51 F . 4.76 -3.78 -19.03
C2 G51 F . 6.08 -4.55 -19.09
C7 G51 F . 3.62 -4.72 -18.91
C12 G51 F . 3.02 -5.30 -20.02
C11 G51 F . 1.95 -6.18 -19.87
C10 G51 F . 1.48 -6.48 -18.60
C32 G51 F . 0.32 -7.42 -18.42
C33 G51 F . -0.79 -7.08 -19.40
C9 G51 F . 2.07 -5.90 -17.48
C8 G51 F . 3.14 -5.03 -17.64
H232 G51 F . 3.83 0.59 -25.25
H231 G51 F . 2.77 0.56 -23.82
H29 G51 F . 3.69 2.95 -25.97
H28 G51 F . 4.19 5.35 -25.48
H412 G51 F . 6.02 6.41 -21.09
H411 G51 F . 4.26 6.48 -20.90
H25 G51 F . 4.47 1.92 -21.86
H18 G51 F . 7.60 -0.21 -22.42
H3 G51 F . 7.53 -3.15 -18.32
HN6 G51 F . 3.64 -2.70 -20.51
H1 G51 F . 4.78 -3.15 -18.13
H22 G51 F . 6.05 -5.27 -19.91
H21 G51 F . 6.21 -5.11 -18.16
H12 G51 F . 3.39 -5.07 -21.01
H11 G51 F . 1.49 -6.62 -20.74
H322 G51 F . -0.07 -7.36 -17.40
H321 G51 F . 0.64 -8.45 -18.60
H332 G51 F . -1.11 -6.07 -19.22
H331 G51 F . -0.42 -7.15 -20.39
H333 G51 F . -1.60 -7.73 -19.27
H9 G51 F . 1.70 -6.13 -16.50
H8 G51 F . 3.59 -4.59 -16.77
#